data_9HTG
#
_entry.id   9HTG
#
_cell.length_a   93.427
_cell.length_b   93.427
_cell.length_c   220.258
_cell.angle_alpha   90
_cell.angle_beta   90
_cell.angle_gamma   90
#
_symmetry.space_group_name_H-M   'P 43 2 2'
#
loop_
_entity.id
_entity.type
_entity.pdbx_description
1 polymer Myosin-7
2 non-polymer 'MAGNESIUM ION'
3 non-polymer "ADENOSINE-5'-DIPHOSPHATE"
4 non-polymer 'VANADATE ION'
5 non-polymer GLYCEROL
6 non-polymer 1,2-ETHANEDIOL
7 water water
#
_entity_poly.entity_id   1
_entity_poly.type   'polypeptide(L)'
_entity_poly.pdbx_seq_one_letter_code
;MGDSEMAVFGAAAPYLRKSEKERLEAQTRPFDLKKDVFVPDDKQEFVKAKIVSREGGKVTAETEYGKTVTVKEDQVMQQN
PPKFDKIEDMAMLTFLHEPAVLYNLKDRYGSWMIYTYSGLFCVTVNPY(M3L)WLPVYTPEVVAAYRGKKRSEAPPHIFS
ISDNAYQYMLTDRENQSILITGESGAGKTVNTKRVIQYFAVIAAIGDRSKKDQSPGKGTLEDQIIQANPALEAFGNAKTV
RNDNSSRFGKFIRIHFGATGKLASADIETYLLEKSRVIFQLKAERDYHIFYQILSNKKPELLDMLLITNNPYDYAFISQG
ETTVASIDDAEELMATDNAFDVLGFTSEEKNSMYKLTGAIMHFGNMKFKLKQREEQAEPDGTEEADKSAYLMGLNSADLL
KGLCHPRVKVGNEYVTKGQNVQQVIYATGALAKAVYERMFNWMVTRINATLETKQPRQYFIGVLDIAGFEIFDFNSFEQL
CINFTNEKLQQFFNHHMFVLDQEEYKKEGIEWTFIDFGMDLQACIDLIEKPMGIMSILEEECMFPKATDMTF(MLY)AKL
FDNHLGKSANFQKPRNIKGKPEAHFSLIHYAGIVDYNIIGWLQKNKDPLNETVVGLYQKSSLKLLSTLFANYAGADAPIE
KGKGKAKKGSSFQTVSALHRENLNKLMTNLRSTHPHFVRCIIPNETKSPGVMDNPLVMHQLRCNGVLEGIRICRKGFPNR
ILYGDFRQRYRILNPAAIPEGQFIDSRKGAEKLLSSLDIDHNQYKFGHTKVFFKAGLLGLLEEMRDERLSRIITRIQAQS
RGVLARMEYKKLLERRGSGRGSIDTWV
;
_entity_poly.pdbx_strand_id   A
#
loop_
_chem_comp.id
_chem_comp.type
_chem_comp.name
_chem_comp.formula
ADP non-polymer ADENOSINE-5'-DIPHOSPHATE 'C10 H15 N5 O10 P2'
EDO non-polymer 1,2-ETHANEDIOL 'C2 H6 O2'
GOL non-polymer GLYCEROL 'C3 H8 O3'
MG non-polymer 'MAGNESIUM ION' 'Mg 2'
VO4 non-polymer 'VANADATE ION' 'O4 V -3'
#
# COMPACT_ATOMS: atom_id res chain seq x y z
N PRO A 30 -38.87 -18.33 7.31
CA PRO A 30 -39.09 -19.63 6.68
C PRO A 30 -37.77 -20.36 6.41
N PHE A 31 -37.52 -21.44 7.17
CA PHE A 31 -36.28 -22.22 7.02
C PHE A 31 -36.45 -23.69 7.39
N ASP A 32 -35.79 -24.56 6.64
CA ASP A 32 -35.74 -26.01 6.85
C ASP A 32 -34.26 -26.42 6.89
N LEU A 33 -33.88 -27.32 7.82
CA LEU A 33 -32.50 -27.76 8.01
C LEU A 33 -31.84 -28.38 6.77
N LYS A 34 -32.57 -29.23 6.02
CA LYS A 34 -31.99 -29.88 4.85
C LYS A 34 -32.67 -29.46 3.52
N LYS A 35 -33.84 -28.81 3.57
CA LYS A 35 -34.50 -28.34 2.34
C LYS A 35 -33.82 -27.05 1.80
N ASP A 36 -33.20 -26.27 2.70
CA ASP A 36 -32.45 -25.06 2.36
C ASP A 36 -30.97 -25.46 2.30
N VAL A 37 -30.44 -25.62 1.09
CA VAL A 37 -29.04 -26.00 0.90
C VAL A 37 -28.38 -25.13 -0.20
N PHE A 38 -27.07 -24.92 -0.09
CA PHE A 38 -26.28 -24.16 -1.08
C PHE A 38 -25.81 -25.13 -2.14
N VAL A 39 -26.06 -24.83 -3.41
CA VAL A 39 -25.63 -25.67 -4.51
C VAL A 39 -24.70 -24.90 -5.44
N PRO A 40 -23.69 -25.56 -6.02
CA PRO A 40 -22.78 -24.84 -6.92
C PRO A 40 -23.45 -24.30 -8.16
N ASP A 41 -22.80 -23.32 -8.78
CA ASP A 41 -23.30 -22.63 -9.96
C ASP A 41 -22.15 -22.36 -10.96
N ASP A 42 -22.51 -22.15 -12.23
CA ASP A 42 -21.51 -21.91 -13.27
C ASP A 42 -21.29 -20.41 -13.53
N LYS A 43 -22.30 -19.57 -13.25
CA LYS A 43 -22.20 -18.15 -13.51
C LYS A 43 -22.01 -17.32 -12.25
N GLN A 44 -22.63 -17.73 -11.13
CA GLN A 44 -22.54 -16.95 -9.90
C GLN A 44 -21.88 -17.70 -8.74
N GLU A 45 -20.95 -18.62 -9.07
CA GLU A 45 -20.17 -19.44 -8.14
C GLU A 45 -21.03 -20.47 -7.36
N PHE A 46 -21.95 -20.01 -6.52
CA PHE A 46 -22.85 -20.85 -5.74
C PHE A 46 -24.20 -20.13 -5.68
N VAL A 47 -25.30 -20.91 -5.75
CA VAL A 47 -26.66 -20.39 -5.70
C VAL A 47 -27.49 -21.12 -4.60
N LYS A 48 -28.45 -20.42 -3.99
CA LYS A 48 -29.28 -20.98 -2.91
C LYS A 48 -30.15 -22.15 -3.37
N MET A 77 -24.05 -28.01 0.17
CA MET A 77 -23.60 -27.58 1.50
C MET A 77 -24.76 -27.00 2.29
N GLN A 78 -24.95 -27.44 3.55
CA GLN A 78 -26.06 -26.97 4.38
C GLN A 78 -26.04 -25.48 4.69
N GLN A 79 -27.17 -24.79 4.45
CA GLN A 79 -27.31 -23.36 4.73
C GLN A 79 -27.30 -23.10 6.24
N ASN A 80 -26.90 -21.89 6.64
CA ASN A 80 -26.90 -21.53 8.04
C ASN A 80 -28.26 -21.04 8.48
N PRO A 81 -28.69 -21.38 9.71
CA PRO A 81 -30.02 -20.94 10.18
C PRO A 81 -30.24 -19.43 10.12
N PRO A 82 -31.52 -19.00 10.11
CA PRO A 82 -31.81 -17.55 10.04
C PRO A 82 -31.29 -16.73 11.22
N LYS A 83 -30.88 -17.38 12.32
CA LYS A 83 -30.28 -16.65 13.44
C LYS A 83 -28.90 -16.09 13.07
N PHE A 84 -28.18 -16.76 12.14
CA PHE A 84 -26.86 -16.36 11.68
C PHE A 84 -26.86 -15.46 10.44
N ASP A 85 -28.01 -14.83 10.14
CA ASP A 85 -28.09 -13.90 9.02
C ASP A 85 -27.34 -12.65 9.40
N LYS A 86 -26.46 -12.16 8.50
CA LYS A 86 -25.69 -10.93 8.73
C LYS A 86 -24.90 -10.98 10.05
N ILE A 87 -24.26 -12.12 10.34
CA ILE A 87 -23.50 -12.30 11.57
C ILE A 87 -22.21 -11.49 11.55
N GLU A 88 -21.94 -10.77 12.64
CA GLU A 88 -20.78 -9.91 12.80
C GLU A 88 -19.43 -10.64 12.85
N ASP A 89 -19.44 -11.97 13.01
CA ASP A 89 -18.22 -12.78 13.04
C ASP A 89 -18.56 -14.12 12.42
N MET A 90 -17.94 -14.43 11.28
CA MET A 90 -18.24 -15.65 10.57
C MET A 90 -17.65 -16.91 11.22
N ALA A 91 -16.75 -16.77 12.22
CA ALA A 91 -16.26 -17.94 12.96
C ALA A 91 -17.33 -18.52 13.93
N MET A 92 -18.48 -17.82 14.04
CA MET A 92 -19.62 -18.25 14.84
C MET A 92 -20.70 -18.97 14.00
N LEU A 93 -20.52 -19.05 12.68
CA LEU A 93 -21.45 -19.74 11.78
C LEU A 93 -21.36 -21.22 12.08
N THR A 94 -22.50 -21.93 12.07
CA THR A 94 -22.48 -23.37 12.33
C THR A 94 -21.85 -24.11 11.14
N PHE A 95 -22.21 -23.70 9.92
CA PHE A 95 -21.65 -24.27 8.71
C PHE A 95 -20.61 -23.32 8.07
N LEU A 96 -19.35 -23.76 7.99
CA LEU A 96 -18.31 -22.94 7.38
C LEU A 96 -17.88 -23.52 6.04
N HIS A 97 -18.35 -22.90 4.97
CA HIS A 97 -18.02 -23.28 3.60
C HIS A 97 -17.99 -22.04 2.68
N GLU A 98 -17.45 -22.18 1.47
CA GLU A 98 -17.30 -21.04 0.55
C GLU A 98 -18.59 -20.22 0.34
N PRO A 99 -19.77 -20.82 0.06
CA PRO A 99 -20.98 -19.99 -0.10
C PRO A 99 -21.57 -19.46 1.21
N ALA A 100 -21.23 -20.08 2.35
CA ALA A 100 -21.73 -19.60 3.65
C ALA A 100 -21.07 -18.27 3.99
N VAL A 101 -19.76 -18.15 3.69
CA VAL A 101 -18.99 -16.93 3.92
C VAL A 101 -19.39 -15.88 2.88
N LEU A 102 -19.47 -16.29 1.62
CA LEU A 102 -19.83 -15.42 0.48
C LEU A 102 -21.21 -14.77 0.67
N TYR A 103 -22.21 -15.57 1.04
CA TYR A 103 -23.56 -15.06 1.22
C TYR A 103 -23.71 -14.22 2.48
N ASN A 104 -22.93 -14.48 3.55
CA ASN A 104 -23.02 -13.63 4.75
C ASN A 104 -22.48 -12.25 4.42
N LEU A 105 -21.38 -12.19 3.66
CA LEU A 105 -20.81 -10.93 3.24
C LEU A 105 -21.77 -10.21 2.30
N LYS A 106 -22.41 -10.95 1.39
CA LYS A 106 -23.37 -10.38 0.46
C LYS A 106 -24.61 -9.86 1.18
N ASP A 107 -25.06 -10.56 2.23
CA ASP A 107 -26.25 -10.16 3.02
C ASP A 107 -25.99 -8.89 3.81
N ARG A 108 -24.81 -8.81 4.45
CA ARG A 108 -24.40 -7.63 5.19
C ARG A 108 -24.16 -6.48 4.22
N TYR A 109 -23.52 -6.74 3.08
CA TYR A 109 -23.27 -5.75 2.04
C TYR A 109 -24.59 -5.18 1.47
N GLY A 110 -25.61 -6.02 1.39
CA GLY A 110 -26.91 -5.60 0.92
C GLY A 110 -27.57 -4.58 1.84
N SER A 111 -27.20 -4.61 3.13
CA SER A 111 -27.71 -3.67 4.13
C SER A 111 -26.70 -2.56 4.47
N TRP A 112 -25.70 -2.37 3.60
CA TRP A 112 -24.62 -1.41 3.76
C TRP A 112 -23.84 -1.64 5.05
N MET A 113 -23.54 -2.91 5.34
CA MET A 113 -22.71 -3.34 6.47
C MET A 113 -21.41 -3.85 5.83
N ILE A 114 -20.50 -2.90 5.53
CA ILE A 114 -19.28 -3.19 4.80
C ILE A 114 -18.13 -3.79 5.60
N TYR A 115 -18.32 -4.14 6.88
CA TYR A 115 -17.26 -4.76 7.67
C TYR A 115 -17.82 -6.04 8.27
N THR A 116 -17.00 -7.09 8.37
CA THR A 116 -17.42 -8.35 8.98
C THR A 116 -16.19 -9.02 9.49
N TYR A 117 -16.21 -9.42 10.76
CA TYR A 117 -15.07 -10.12 11.33
C TYR A 117 -15.09 -11.54 10.83
N SER A 118 -13.91 -12.11 10.65
CA SER A 118 -13.77 -13.48 10.20
C SER A 118 -12.62 -14.07 10.96
N GLY A 119 -12.91 -14.52 12.17
CA GLY A 119 -11.90 -15.02 13.06
C GLY A 119 -11.22 -13.84 13.73
N LEU A 120 -9.89 -13.85 13.81
CA LEU A 120 -9.18 -12.73 14.44
C LEU A 120 -9.01 -11.51 13.55
N PHE A 121 -9.14 -11.68 12.23
CA PHE A 121 -9.00 -10.55 11.32
C PHE A 121 -10.36 -10.03 10.82
N CYS A 122 -10.37 -8.96 10.02
CA CYS A 122 -11.61 -8.38 9.52
C CYS A 122 -11.62 -8.31 8.00
N VAL A 123 -12.80 -8.39 7.39
CA VAL A 123 -12.98 -8.29 5.94
C VAL A 123 -13.80 -7.04 5.66
N THR A 124 -13.57 -6.37 4.53
CA THR A 124 -14.34 -5.19 4.20
C THR A 124 -14.60 -5.11 2.70
N VAL A 125 -15.86 -4.88 2.32
CA VAL A 125 -16.24 -4.80 0.91
C VAL A 125 -16.56 -3.36 0.55
N ASN A 126 -15.81 -2.79 -0.41
CA ASN A 126 -15.98 -1.42 -0.89
C ASN A 126 -17.44 -1.09 -1.23
N PRO A 127 -18.08 -0.14 -0.52
CA PRO A 127 -19.47 0.21 -0.85
C PRO A 127 -19.63 1.06 -2.10
N TYR A 128 -18.55 1.73 -2.53
CA TYR A 128 -18.51 2.65 -3.65
C TYR A 128 -19.46 3.84 -3.47
N M3L A 129 -19.93 4.07 -2.23
CA M3L A 129 -20.78 5.18 -1.90
CB M3L A 129 -22.34 4.90 -1.96
CG M3L A 129 -22.83 4.03 -0.83
CD M3L A 129 -24.34 3.86 -0.72
CE M3L A 129 -25.18 5.12 -0.63
NZ M3L A 129 -26.61 4.96 -0.11
C M3L A 129 -20.44 5.66 -0.49
O M3L A 129 -19.94 4.89 0.31
CM1 M3L A 129 -27.39 6.20 -0.40
CM2 M3L A 129 -27.31 3.80 -0.75
CM3 M3L A 129 -26.57 4.75 1.37
N TRP A 130 -20.69 6.94 -0.19
CA TRP A 130 -20.45 7.47 1.15
C TRP A 130 -21.51 6.90 2.06
N LEU A 131 -21.09 6.43 3.24
CA LEU A 131 -22.01 5.91 4.25
C LEU A 131 -21.83 6.71 5.54
N PRO A 132 -22.90 6.88 6.31
CA PRO A 132 -22.80 7.67 7.55
C PRO A 132 -22.22 6.85 8.70
N VAL A 133 -21.18 6.06 8.44
CA VAL A 133 -20.55 5.24 9.47
C VAL A 133 -19.23 5.81 9.99
N TYR A 134 -18.74 6.93 9.43
CA TYR A 134 -17.46 7.48 9.84
C TYR A 134 -17.52 8.81 10.58
N THR A 135 -18.68 9.21 11.12
CA THR A 135 -18.84 10.51 11.80
C THR A 135 -18.11 10.57 13.15
N PRO A 136 -17.79 11.79 13.67
CA PRO A 136 -17.13 11.88 14.99
C PRO A 136 -17.97 11.29 16.13
N GLU A 137 -19.29 11.14 15.91
CA GLU A 137 -20.18 10.49 16.87
C GLU A 137 -19.74 9.03 17.01
N VAL A 138 -19.52 8.38 15.85
CA VAL A 138 -19.10 6.99 15.74
C VAL A 138 -17.70 6.84 16.31
N VAL A 139 -16.79 7.78 16.00
CA VAL A 139 -15.43 7.76 16.51
C VAL A 139 -15.41 7.75 18.04
N ALA A 140 -16.02 8.78 18.66
CA ALA A 140 -16.07 8.93 20.11
C ALA A 140 -16.78 7.77 20.81
N ALA A 141 -17.75 7.14 20.14
CA ALA A 141 -18.50 6.04 20.73
C ALA A 141 -17.67 4.76 20.81
N TYR A 142 -16.86 4.50 19.78
CA TYR A 142 -16.03 3.31 19.68
C TYR A 142 -14.87 3.27 20.67
N ARG A 143 -14.57 4.39 21.34
CA ARG A 143 -13.47 4.49 22.30
C ARG A 143 -13.71 3.63 23.53
N GLY A 144 -12.81 2.69 23.79
CA GLY A 144 -12.91 1.80 24.94
C GLY A 144 -13.62 0.50 24.65
N LYS A 145 -14.53 0.53 23.67
CA LYS A 145 -15.34 -0.62 23.27
C LYS A 145 -14.49 -1.79 22.82
N LYS A 146 -14.71 -2.93 23.49
CA LYS A 146 -14.11 -4.20 23.14
C LYS A 146 -14.67 -4.63 21.77
N ARG A 147 -13.95 -5.50 21.08
CA ARG A 147 -14.35 -5.96 19.74
C ARG A 147 -15.81 -6.47 19.67
N SER A 148 -16.22 -7.25 20.65
CA SER A 148 -17.56 -7.81 20.68
C SER A 148 -18.64 -6.84 21.18
N GLU A 149 -18.25 -5.71 21.77
CA GLU A 149 -19.21 -4.75 22.31
C GLU A 149 -19.61 -3.68 21.29
N ALA A 150 -19.40 -3.93 19.98
CA ALA A 150 -19.71 -2.97 18.93
C ALA A 150 -19.68 -3.65 17.55
N PRO A 151 -20.42 -3.13 16.56
CA PRO A 151 -20.41 -3.77 15.23
C PRO A 151 -19.05 -3.74 14.55
N PRO A 152 -18.78 -4.67 13.60
CA PRO A 152 -17.48 -4.66 12.91
C PRO A 152 -17.20 -3.33 12.24
N HIS A 153 -15.98 -2.78 12.44
CA HIS A 153 -15.59 -1.49 11.91
C HIS A 153 -14.07 -1.32 11.95
N ILE A 154 -13.54 -0.50 11.03
CA ILE A 154 -12.11 -0.14 11.04
C ILE A 154 -11.77 0.64 12.33
N PHE A 155 -12.76 1.35 12.93
CA PHE A 155 -12.61 2.08 14.19
C PHE A 155 -12.38 1.10 15.34
N SER A 156 -13.08 -0.03 15.32
CA SER A 156 -12.92 -1.06 16.35
C SER A 156 -11.56 -1.74 16.26
N ILE A 157 -10.96 -1.81 15.06
CA ILE A 157 -9.63 -2.39 14.88
C ILE A 157 -8.61 -1.44 15.47
N SER A 158 -8.71 -0.14 15.18
CA SER A 158 -7.83 0.91 15.66
C SER A 158 -7.84 0.98 17.18
N ASP A 159 -9.04 0.95 17.77
CA ASP A 159 -9.16 1.03 19.22
C ASP A 159 -8.64 -0.22 19.89
N ASN A 160 -8.86 -1.39 19.28
CA ASN A 160 -8.40 -2.62 19.91
C ASN A 160 -6.88 -2.77 19.75
N ALA A 161 -6.30 -2.28 18.64
CA ALA A 161 -4.83 -2.23 18.47
C ALA A 161 -4.24 -1.31 19.53
N TYR A 162 -4.93 -0.19 19.83
CA TYR A 162 -4.55 0.76 20.85
C TYR A 162 -4.58 0.08 22.23
N GLN A 163 -5.62 -0.73 22.48
CA GLN A 163 -5.78 -1.45 23.74
C GLN A 163 -4.67 -2.47 23.94
N TYR A 164 -4.38 -3.31 22.92
CA TYR A 164 -3.30 -4.29 22.98
C TYR A 164 -1.96 -3.60 23.19
N MET A 165 -1.76 -2.42 22.60
CA MET A 165 -0.52 -1.67 22.72
C MET A 165 -0.21 -1.35 24.18
N LEU A 166 -1.20 -0.79 24.90
CA LEU A 166 -1.00 -0.44 26.29
C LEU A 166 -1.08 -1.66 27.23
N THR A 167 -1.93 -2.65 26.91
CA THR A 167 -2.10 -3.86 27.70
C THR A 167 -0.86 -4.78 27.65
N ASP A 168 -0.40 -5.09 26.44
CA ASP A 168 0.75 -5.98 26.26
C ASP A 168 2.09 -5.25 26.18
N ARG A 169 2.08 -3.91 26.13
CA ARG A 169 3.29 -3.10 25.96
C ARG A 169 4.06 -3.51 24.71
N GLU A 170 3.31 -3.59 23.61
CA GLU A 170 3.79 -4.03 22.31
C GLU A 170 3.42 -3.02 21.24
N ASN A 171 4.25 -2.91 20.19
CA ASN A 171 3.90 -2.07 19.05
C ASN A 171 2.94 -2.86 18.18
N GLN A 172 2.00 -2.15 17.57
CA GLN A 172 0.97 -2.78 16.76
C GLN A 172 1.12 -2.38 15.32
N SER A 173 0.55 -3.17 14.42
CA SER A 173 0.50 -2.81 13.01
C SER A 173 -0.85 -3.17 12.43
N ILE A 174 -1.38 -2.32 11.58
CA ILE A 174 -2.66 -2.54 10.94
C ILE A 174 -2.31 -2.71 9.49
N LEU A 175 -2.32 -3.96 9.04
CA LEU A 175 -1.93 -4.35 7.70
C LEU A 175 -3.15 -4.53 6.80
N ILE A 176 -3.33 -3.59 5.89
CA ILE A 176 -4.52 -3.57 5.04
C ILE A 176 -4.24 -4.07 3.62
N THR A 177 -4.70 -5.32 3.30
CA THR A 177 -4.53 -5.98 2.01
C THR A 177 -5.63 -5.61 1.00
N GLY A 178 -5.40 -5.88 -0.28
CA GLY A 178 -6.43 -5.68 -1.29
C GLY A 178 -5.95 -5.38 -2.70
N GLU A 179 -6.74 -5.76 -3.70
CA GLU A 179 -6.47 -5.48 -5.11
C GLU A 179 -6.58 -3.96 -5.37
N SER A 180 -6.14 -3.49 -6.55
CA SER A 180 -6.24 -2.07 -6.90
C SER A 180 -7.71 -1.66 -6.88
N GLY A 181 -8.05 -0.77 -5.97
CA GLY A 181 -9.42 -0.28 -5.84
C GLY A 181 -10.24 -0.95 -4.76
N ALA A 182 -9.62 -1.83 -3.97
CA ALA A 182 -10.33 -2.54 -2.90
C ALA A 182 -10.78 -1.61 -1.75
N GLY A 183 -9.94 -0.63 -1.40
CA GLY A 183 -10.27 0.33 -0.35
C GLY A 183 -9.23 0.46 0.74
N LYS A 184 -7.95 0.16 0.43
CA LYS A 184 -6.86 0.25 1.40
C LYS A 184 -6.59 1.68 1.84
N THR A 185 -6.56 2.64 0.90
CA THR A 185 -6.29 4.06 1.18
C THR A 185 -7.41 4.71 1.98
N VAL A 186 -8.66 4.32 1.71
CA VAL A 186 -9.78 4.86 2.46
C VAL A 186 -9.72 4.33 3.88
N ASN A 187 -9.47 3.03 4.03
CA ASN A 187 -9.40 2.45 5.37
C ASN A 187 -8.18 2.95 6.13
N THR A 188 -7.07 3.23 5.43
CA THR A 188 -5.89 3.77 6.08
C THR A 188 -6.19 5.17 6.61
N LYS A 189 -6.84 6.01 5.78
CA LYS A 189 -7.21 7.35 6.19
C LYS A 189 -8.25 7.37 7.32
N ARG A 190 -9.05 6.31 7.43
CA ARG A 190 -10.03 6.18 8.49
C ARG A 190 -9.40 5.76 9.83
N VAL A 191 -8.22 5.08 9.78
CA VAL A 191 -7.49 4.68 11.00
C VAL A 191 -6.84 5.94 11.58
N ILE A 192 -6.15 6.71 10.72
CA ILE A 192 -5.52 7.97 11.06
C ILE A 192 -6.59 8.93 11.63
N GLN A 193 -7.78 8.98 10.97
CA GLN A 193 -8.90 9.82 11.38
C GLN A 193 -9.32 9.48 12.79
N TYR A 194 -9.50 8.18 13.08
CA TYR A 194 -9.91 7.74 14.41
C TYR A 194 -8.90 8.21 15.47
N PHE A 195 -7.62 7.94 15.26
CA PHE A 195 -6.59 8.30 16.21
C PHE A 195 -6.48 9.77 16.45
N ALA A 196 -6.53 10.58 15.39
CA ALA A 196 -6.47 12.04 15.49
C ALA A 196 -7.71 12.63 16.17
N VAL A 197 -8.92 12.16 15.81
CA VAL A 197 -10.16 12.65 16.40
C VAL A 197 -10.18 12.34 17.90
N ILE A 198 -9.75 11.13 18.27
CA ILE A 198 -9.66 10.68 19.67
C ILE A 198 -8.63 11.54 20.46
N ALA A 199 -7.45 11.79 19.87
CA ALA A 199 -6.42 12.58 20.53
C ALA A 199 -6.86 14.04 20.72
N ALA A 200 -7.62 14.58 19.76
CA ALA A 200 -8.11 15.95 19.83
C ALA A 200 -9.13 16.13 20.97
N ILE A 201 -9.92 15.10 21.28
CA ILE A 201 -10.88 15.17 22.37
C ILE A 201 -10.19 15.40 23.72
N GLY A 202 -9.31 14.48 24.13
CA GLY A 202 -8.62 14.57 25.40
C GLY A 202 -9.32 13.77 26.48
N GLY A 212 -3.33 29.17 9.62
CA GLY A 212 -2.08 28.64 9.09
C GLY A 212 -1.84 27.21 9.54
N LYS A 213 -0.59 26.90 9.97
CA LYS A 213 -0.20 25.57 10.46
C LYS A 213 -1.07 25.16 11.66
N GLY A 214 -1.73 23.99 11.56
CA GLY A 214 -2.61 23.49 12.62
C GLY A 214 -1.90 22.62 13.63
N THR A 215 -2.66 21.93 14.48
CA THR A 215 -2.08 21.03 15.49
C THR A 215 -1.70 19.66 14.91
N LEU A 216 -0.90 18.87 15.66
CA LEU A 216 -0.42 17.55 15.26
C LEU A 216 -1.49 16.67 14.61
N GLU A 217 -2.68 16.62 15.23
CA GLU A 217 -3.79 15.81 14.77
C GLU A 217 -4.29 16.25 13.40
N ASP A 218 -4.31 17.55 13.16
CA ASP A 218 -4.76 18.11 11.88
C ASP A 218 -3.69 17.89 10.81
N GLN A 219 -2.41 18.03 11.18
CA GLN A 219 -1.32 17.82 10.24
C GLN A 219 -1.28 16.36 9.82
N ILE A 220 -1.48 15.41 10.77
CA ILE A 220 -1.57 13.97 10.52
C ILE A 220 -2.65 13.67 9.46
N ILE A 221 -3.83 14.29 9.61
CA ILE A 221 -4.96 14.16 8.69
C ILE A 221 -4.60 14.73 7.30
N GLN A 222 -4.08 15.97 7.27
CA GLN A 222 -3.77 16.68 6.03
C GLN A 222 -2.52 16.19 5.28
N ALA A 223 -1.76 15.25 5.86
CA ALA A 223 -0.58 14.74 5.17
C ALA A 223 -0.98 13.86 3.98
N ASN A 224 -2.13 13.20 4.05
CA ASN A 224 -2.59 12.30 3.00
C ASN A 224 -3.14 13.05 1.77
N PRO A 225 -3.99 14.12 1.87
CA PRO A 225 -4.38 14.83 0.64
C PRO A 225 -3.18 15.52 -0.04
N ALA A 226 -2.18 15.94 0.74
CA ALA A 226 -0.99 16.60 0.20
C ALA A 226 -0.13 15.60 -0.59
N LEU A 227 0.00 14.38 -0.09
CA LEU A 227 0.77 13.33 -0.77
C LEU A 227 0.04 12.71 -1.93
N GLU A 228 -1.30 12.57 -1.81
CA GLU A 228 -2.16 12.02 -2.86
C GLU A 228 -2.13 12.84 -4.15
N ALA A 229 -1.96 14.18 -4.07
CA ALA A 229 -1.91 15.04 -5.25
C ALA A 229 -0.71 14.69 -6.13
N PHE A 230 0.41 14.36 -5.52
CA PHE A 230 1.62 14.01 -6.26
C PHE A 230 1.85 12.52 -6.43
N GLY A 231 1.21 11.68 -5.64
CA GLY A 231 1.45 10.25 -5.69
C GLY A 231 0.27 9.38 -6.07
N ASN A 232 -0.87 9.99 -6.34
CA ASN A 232 -2.05 9.24 -6.78
C ASN A 232 -2.44 9.66 -8.21
N ALA A 233 -3.02 8.73 -8.97
CA ALA A 233 -3.43 9.00 -10.35
C ALA A 233 -4.57 8.07 -10.78
N LYS A 234 -5.33 8.45 -11.82
CA LYS A 234 -6.38 7.57 -12.33
C LYS A 234 -5.79 6.43 -13.14
N THR A 235 -6.20 5.21 -12.83
CA THR A 235 -5.85 4.01 -13.57
C THR A 235 -7.19 3.34 -13.98
N VAL A 236 -7.12 2.34 -14.87
CA VAL A 236 -8.31 1.63 -15.35
C VAL A 236 -9.11 1.03 -14.16
N ARG A 237 -8.40 0.60 -13.10
CA ARG A 237 -9.02 -0.02 -11.93
C ARG A 237 -9.42 0.96 -10.80
N ASN A 238 -8.70 2.08 -10.65
CA ASN A 238 -9.00 3.04 -9.58
C ASN A 238 -8.84 4.48 -10.04
N ASP A 239 -9.82 5.33 -9.72
CA ASP A 239 -9.75 6.75 -10.07
C ASP A 239 -8.70 7.50 -9.22
N ASN A 240 -8.49 7.03 -7.98
CA ASN A 240 -7.49 7.56 -7.04
C ASN A 240 -6.55 6.40 -6.65
N SER A 241 -5.75 5.92 -7.60
CA SER A 241 -4.87 4.79 -7.34
C SER A 241 -3.60 5.27 -6.70
N SER A 242 -3.14 4.62 -5.61
CA SER A 242 -1.89 4.99 -4.94
C SER A 242 -0.76 4.42 -5.75
N ARG A 243 0.10 5.27 -6.31
CA ARG A 243 1.22 4.78 -7.12
C ARG A 243 2.49 4.71 -6.30
N PHE A 244 2.36 4.36 -5.02
CA PHE A 244 3.42 4.24 -4.03
C PHE A 244 2.84 3.60 -2.74
N GLY A 245 3.70 2.96 -1.97
CA GLY A 245 3.30 2.39 -0.70
C GLY A 245 3.71 3.33 0.41
N LYS A 246 3.05 3.22 1.57
CA LYS A 246 3.43 4.02 2.73
C LYS A 246 3.19 3.29 4.03
N PHE A 247 4.09 3.50 5.00
CA PHE A 247 3.94 2.91 6.32
C PHE A 247 3.89 4.10 7.27
N ILE A 248 2.72 4.34 7.86
CA ILE A 248 2.56 5.47 8.75
C ILE A 248 2.69 4.97 10.15
N ARG A 249 3.58 5.56 10.95
CA ARG A 249 3.70 5.15 12.35
C ARG A 249 3.09 6.22 13.21
N ILE A 250 2.19 5.84 14.09
CA ILE A 250 1.54 6.79 14.98
C ILE A 250 2.06 6.52 16.39
N HIS A 251 2.94 7.41 16.88
CA HIS A 251 3.66 7.25 18.13
C HIS A 251 2.94 7.66 19.37
N PHE A 252 2.93 6.80 20.37
CA PHE A 252 2.26 7.11 21.64
C PHE A 252 3.22 7.07 22.80
N GLY A 253 2.96 7.87 23.82
CA GLY A 253 3.77 7.86 25.04
C GLY A 253 3.51 6.62 25.89
N ALA A 254 4.19 6.53 27.05
CA ALA A 254 4.06 5.38 27.96
C ALA A 254 2.63 5.21 28.46
N THR A 255 1.97 6.33 28.76
CA THR A 255 0.61 6.38 29.26
C THR A 255 -0.47 6.26 28.18
N GLY A 256 -0.11 6.42 26.92
CA GLY A 256 -1.04 6.27 25.81
C GLY A 256 -1.39 7.52 25.04
N LYS A 257 -0.80 8.66 25.38
CA LYS A 257 -1.11 9.90 24.66
C LYS A 257 -0.48 9.91 23.28
N LEU A 258 -1.13 10.50 22.28
CA LEU A 258 -0.55 10.63 20.94
C LEU A 258 0.56 11.65 21.02
N ALA A 259 1.76 11.28 20.62
CA ALA A 259 2.93 12.15 20.75
C ALA A 259 3.52 12.61 19.44
N SER A 260 3.48 11.77 18.42
CA SER A 260 4.13 12.09 17.16
C SER A 260 3.70 11.10 16.03
N ALA A 261 4.12 11.35 14.80
CA ALA A 261 3.84 10.50 13.65
C ALA A 261 4.93 10.63 12.61
N ASP A 262 5.11 9.59 11.78
CA ASP A 262 6.06 9.63 10.67
C ASP A 262 5.60 8.78 9.51
N ILE A 263 6.01 9.16 8.30
CA ILE A 263 5.63 8.44 7.10
C ILE A 263 6.87 7.95 6.39
N GLU A 264 6.82 6.71 5.89
CA GLU A 264 7.89 6.16 5.10
C GLU A 264 7.26 5.72 3.81
N THR A 265 7.64 6.35 2.68
CA THR A 265 7.07 6.01 1.39
C THR A 265 7.98 5.07 0.62
N TYR A 266 7.38 4.20 -0.18
CA TYR A 266 8.05 3.16 -0.92
C TYR A 266 7.73 3.14 -2.40
N LEU A 267 8.77 3.23 -3.21
CA LEU A 267 8.72 3.12 -4.66
C LEU A 267 7.57 3.85 -5.38
N LEU A 268 7.82 5.13 -5.74
CA LEU A 268 6.85 5.91 -6.49
C LEU A 268 6.99 5.55 -7.98
N GLU A 269 5.86 5.38 -8.69
CA GLU A 269 5.87 5.06 -10.13
C GLU A 269 6.33 6.27 -10.97
N LYS A 270 7.65 6.40 -11.16
CA LYS A 270 8.29 7.47 -11.93
C LYS A 270 7.81 7.54 -13.39
N SER A 271 7.66 6.39 -14.03
CA SER A 271 7.24 6.29 -15.43
C SER A 271 5.96 7.07 -15.72
N ARG A 272 5.04 7.09 -14.74
CA ARG A 272 3.77 7.79 -14.87
C ARG A 272 3.93 9.27 -15.07
N VAL A 273 5.01 9.90 -14.56
CA VAL A 273 5.25 11.33 -14.72
C VAL A 273 5.32 11.72 -16.20
N ILE A 274 5.98 10.89 -17.01
CA ILE A 274 6.17 11.15 -18.44
C ILE A 274 5.46 10.15 -19.37
N PHE A 275 4.65 9.23 -18.82
CA PHE A 275 3.97 8.22 -19.64
C PHE A 275 2.60 7.82 -19.11
N GLN A 276 1.62 7.66 -20.01
CA GLN A 276 0.28 7.21 -19.67
C GLN A 276 -0.25 6.24 -20.72
N LEU A 277 -0.94 5.20 -20.27
CA LEU A 277 -1.63 4.25 -21.13
C LEU A 277 -2.98 4.89 -21.56
N LYS A 278 -3.65 4.33 -22.57
CA LYS A 278 -4.89 4.90 -23.12
C LYS A 278 -5.93 5.25 -22.07
N ALA A 279 -6.22 4.32 -21.18
CA ALA A 279 -7.25 4.52 -20.18
C ALA A 279 -6.78 5.09 -18.84
N GLU A 280 -5.75 5.96 -18.83
CA GLU A 280 -5.26 6.48 -17.54
C GLU A 280 -4.64 7.87 -17.58
N ARG A 281 -4.66 8.55 -16.42
CA ARG A 281 -4.12 9.89 -16.25
C ARG A 281 -2.75 9.86 -15.59
N ASP A 282 -2.03 10.99 -15.68
CA ASP A 282 -0.79 11.22 -14.96
C ASP A 282 -1.23 11.63 -13.51
N TYR A 283 -0.28 12.00 -12.65
CA TYR A 283 -0.58 12.40 -11.28
C TYR A 283 -1.56 13.54 -11.20
N HIS A 284 -2.45 13.47 -10.23
CA HIS A 284 -3.53 14.44 -10.00
C HIS A 284 -3.07 15.90 -10.06
N ILE A 285 -1.90 16.22 -9.47
CA ILE A 285 -1.36 17.56 -9.37
C ILE A 285 -1.37 18.34 -10.68
N PHE A 286 -0.94 17.72 -11.80
CA PHE A 286 -0.91 18.37 -13.10
C PHE A 286 -2.27 18.95 -13.50
N TYR A 287 -3.33 18.16 -13.37
CA TYR A 287 -4.70 18.54 -13.73
C TYR A 287 -5.30 19.53 -12.73
N GLN A 288 -4.88 19.44 -11.46
CA GLN A 288 -5.32 20.35 -10.40
C GLN A 288 -4.83 21.75 -10.71
N ILE A 289 -3.57 21.89 -11.13
CA ILE A 289 -3.03 23.18 -11.50
C ILE A 289 -3.75 23.68 -12.76
N LEU A 290 -3.84 22.83 -13.81
CA LEU A 290 -4.54 23.15 -15.05
C LEU A 290 -6.04 23.41 -14.91
N SER A 291 -6.62 23.20 -13.71
CA SER A 291 -8.03 23.49 -13.49
C SER A 291 -8.29 24.99 -13.63
N ASN A 292 -7.31 25.83 -13.24
CA ASN A 292 -7.38 27.28 -13.28
C ASN A 292 -8.13 27.88 -12.05
N LYS A 293 -8.57 27.03 -11.07
CA LYS A 293 -9.17 27.51 -9.81
C LYS A 293 -8.21 28.49 -9.05
N LYS A 294 -6.91 28.42 -9.35
CA LYS A 294 -5.86 29.32 -8.88
C LYS A 294 -5.19 29.78 -10.16
N PRO A 295 -5.71 30.86 -10.78
CA PRO A 295 -5.13 31.32 -12.05
C PRO A 295 -3.74 31.94 -11.92
N GLU A 296 -3.40 32.42 -10.71
CA GLU A 296 -2.06 32.93 -10.41
C GLU A 296 -1.00 31.85 -10.62
N LEU A 297 -1.37 30.56 -10.48
CA LEU A 297 -0.45 29.45 -10.68
C LEU A 297 -0.12 29.34 -12.15
N LEU A 298 -1.11 29.41 -13.04
CA LEU A 298 -0.86 29.33 -14.49
C LEU A 298 0.04 30.49 -14.95
N ASP A 299 -0.15 31.66 -14.34
CA ASP A 299 0.62 32.88 -14.60
C ASP A 299 2.08 32.58 -14.17
N MET A 300 2.26 32.16 -12.91
CA MET A 300 3.57 31.86 -12.38
C MET A 300 4.32 30.81 -13.18
N LEU A 301 3.62 29.75 -13.61
CA LEU A 301 4.23 28.64 -14.33
C LEU A 301 4.41 28.85 -15.83
N LEU A 302 3.96 30.00 -16.38
CA LEU A 302 4.09 30.30 -17.82
C LEU A 302 3.42 29.19 -18.65
N ILE A 303 2.23 28.75 -18.23
CA ILE A 303 1.51 27.67 -18.90
C ILE A 303 0.06 28.03 -19.32
N THR A 304 -0.52 27.24 -20.23
CA THR A 304 -1.90 27.36 -20.76
C THR A 304 -2.87 26.60 -19.80
N ASN A 305 -4.17 26.54 -20.11
CA ASN A 305 -5.14 25.80 -19.31
C ASN A 305 -5.54 24.45 -19.96
N ASN A 306 -4.85 24.04 -21.06
CA ASN A 306 -5.17 22.81 -21.78
C ASN A 306 -4.13 21.72 -21.53
N PRO A 307 -4.55 20.60 -20.89
CA PRO A 307 -3.59 19.50 -20.66
C PRO A 307 -3.02 18.95 -21.95
N TYR A 308 -3.83 18.92 -23.03
CA TYR A 308 -3.39 18.42 -24.33
C TYR A 308 -2.26 19.26 -24.95
N ASP A 309 -1.86 20.38 -24.31
CA ASP A 309 -0.72 21.16 -24.75
C ASP A 309 0.62 20.66 -24.17
N TYR A 310 0.60 19.65 -23.27
CA TYR A 310 1.80 19.12 -22.61
C TYR A 310 1.86 17.64 -22.86
N ALA A 311 2.90 17.20 -23.56
CA ALA A 311 3.02 15.83 -23.98
C ALA A 311 3.18 14.86 -22.84
N PHE A 312 3.94 15.26 -21.82
CA PHE A 312 4.21 14.42 -20.67
C PHE A 312 2.99 14.00 -19.88
N ILE A 313 1.93 14.80 -19.94
CA ILE A 313 0.74 14.57 -19.13
C ILE A 313 -0.53 14.22 -19.90
N SER A 314 -0.54 14.33 -21.23
CA SER A 314 -1.77 14.07 -22.00
C SER A 314 -1.67 12.92 -23.01
N GLN A 315 -1.04 11.80 -22.64
CA GLN A 315 -0.92 10.66 -23.54
C GLN A 315 -2.08 9.68 -23.48
N GLY A 316 -2.78 9.65 -22.35
CA GLY A 316 -3.91 8.77 -22.18
C GLY A 316 -5.18 9.56 -21.97
N GLU A 317 -5.71 9.53 -20.75
CA GLU A 317 -6.90 10.31 -20.38
C GLU A 317 -6.50 11.67 -19.74
N THR A 318 -7.46 12.61 -19.63
CA THR A 318 -7.20 13.92 -19.03
C THR A 318 -8.24 14.31 -17.99
N THR A 319 -9.46 13.77 -18.10
CA THR A 319 -10.51 14.09 -17.14
C THR A 319 -11.17 12.86 -16.56
N VAL A 320 -11.39 12.88 -15.25
CA VAL A 320 -12.03 11.79 -14.52
C VAL A 320 -13.37 12.30 -14.02
N ALA A 321 -14.47 11.57 -14.29
CA ALA A 321 -15.79 12.01 -13.85
C ALA A 321 -15.91 12.17 -12.34
N SER A 322 -15.34 11.23 -11.56
CA SER A 322 -15.42 11.29 -10.10
C SER A 322 -14.51 12.32 -9.43
N ILE A 323 -13.72 13.07 -10.21
CA ILE A 323 -12.76 14.01 -9.65
C ILE A 323 -12.99 15.45 -10.07
N ASP A 324 -13.17 16.35 -9.09
CA ASP A 324 -13.28 17.78 -9.37
C ASP A 324 -11.88 18.29 -9.14
N ASP A 325 -11.05 18.39 -10.20
CA ASP A 325 -9.67 18.84 -10.08
C ASP A 325 -9.53 20.20 -9.44
N ALA A 326 -10.51 21.08 -9.69
CA ALA A 326 -10.53 22.42 -9.12
C ALA A 326 -10.68 22.38 -7.59
N GLU A 327 -11.63 21.59 -7.07
CA GLU A 327 -11.79 21.46 -5.63
C GLU A 327 -10.58 20.83 -4.99
N GLU A 328 -9.96 19.85 -5.69
CA GLU A 328 -8.80 19.14 -5.22
C GLU A 328 -7.60 20.04 -5.14
N LEU A 329 -7.43 20.99 -6.07
CA LEU A 329 -6.32 21.94 -6.01
C LEU A 329 -6.38 22.78 -4.72
N MET A 330 -7.60 23.12 -4.29
CA MET A 330 -7.81 23.87 -3.07
C MET A 330 -7.47 23.00 -1.89
N ALA A 331 -7.90 21.71 -1.91
CA ALA A 331 -7.63 20.77 -0.83
C ALA A 331 -6.15 20.51 -0.69
N THR A 332 -5.44 20.39 -1.81
CA THR A 332 -4.01 20.17 -1.89
C THR A 332 -3.27 21.35 -1.29
N ASP A 333 -3.65 22.60 -1.71
CA ASP A 333 -3.02 23.83 -1.25
C ASP A 333 -3.27 24.06 0.21
N ASN A 334 -4.49 23.76 0.67
CA ASN A 334 -4.89 23.89 2.05
C ASN A 334 -4.08 22.96 2.95
N ALA A 335 -3.74 21.76 2.44
CA ALA A 335 -2.96 20.77 3.17
C ALA A 335 -1.55 21.30 3.35
N PHE A 336 -0.91 21.85 2.30
CA PHE A 336 0.43 22.41 2.43
C PHE A 336 0.46 23.56 3.46
N ASP A 337 -0.66 24.31 3.56
CA ASP A 337 -0.83 25.40 4.52
C ASP A 337 -0.87 24.84 5.95
N VAL A 338 -1.81 23.93 6.26
CA VAL A 338 -1.93 23.30 7.57
C VAL A 338 -0.63 22.58 8.01
N LEU A 339 0.11 22.03 7.03
CA LEU A 339 1.36 21.36 7.31
C LEU A 339 2.54 22.32 7.60
N GLY A 340 2.34 23.63 7.42
CA GLY A 340 3.36 24.62 7.69
C GLY A 340 4.31 24.94 6.55
N PHE A 341 3.91 24.62 5.32
CA PHE A 341 4.74 24.92 4.14
C PHE A 341 4.68 26.42 3.84
N THR A 342 5.85 27.02 3.62
CA THR A 342 5.93 28.45 3.30
C THR A 342 5.47 28.71 1.86
N SER A 343 5.20 29.97 1.52
CA SER A 343 4.83 30.34 0.16
C SER A 343 6.01 30.04 -0.79
N GLU A 344 7.26 30.21 -0.33
CA GLU A 344 8.42 29.88 -1.15
C GLU A 344 8.44 28.37 -1.41
N GLU A 345 8.14 27.56 -0.37
CA GLU A 345 8.08 26.10 -0.49
C GLU A 345 6.98 25.69 -1.49
N LYS A 346 5.74 26.14 -1.28
CA LYS A 346 4.62 25.81 -2.17
C LYS A 346 4.88 26.24 -3.60
N ASN A 347 5.20 27.52 -3.82
CA ASN A 347 5.47 28.01 -5.17
C ASN A 347 6.65 27.33 -5.80
N SER A 348 7.66 26.91 -5.02
CA SER A 348 8.81 26.19 -5.56
C SER A 348 8.37 24.83 -6.11
N MET A 349 7.50 24.12 -5.36
CA MET A 349 6.98 22.82 -5.78
C MET A 349 6.11 22.95 -7.00
N TYR A 350 5.30 24.01 -7.06
CA TYR A 350 4.45 24.28 -8.21
C TYR A 350 5.35 24.56 -9.42
N LYS A 351 6.40 25.39 -9.23
CA LYS A 351 7.36 25.75 -10.27
C LYS A 351 8.00 24.53 -10.88
N LEU A 352 8.41 23.57 -10.05
CA LEU A 352 9.01 22.34 -10.55
C LEU A 352 8.02 21.50 -11.32
N THR A 353 6.76 21.42 -10.85
CA THR A 353 5.71 20.70 -11.58
C THR A 353 5.48 21.34 -12.94
N GLY A 354 5.41 22.67 -12.98
CA GLY A 354 5.26 23.44 -14.20
C GLY A 354 6.43 23.19 -15.15
N ALA A 355 7.67 23.33 -14.64
CA ALA A 355 8.89 23.10 -15.40
C ALA A 355 8.90 21.73 -16.04
N ILE A 356 8.41 20.71 -15.31
CA ILE A 356 8.35 19.34 -15.82
C ILE A 356 7.41 19.23 -17.01
N MET A 357 6.30 19.98 -17.01
CA MET A 357 5.39 19.98 -18.14
C MET A 357 6.09 20.57 -19.38
N HIS A 358 6.75 21.74 -19.23
CA HIS A 358 7.50 22.45 -20.29
C HIS A 358 8.61 21.58 -20.86
N PHE A 359 9.36 20.90 -19.96
CA PHE A 359 10.47 20.00 -20.25
C PHE A 359 10.06 18.94 -21.28
N GLY A 360 8.84 18.45 -21.19
CA GLY A 360 8.32 17.44 -22.11
C GLY A 360 8.02 17.93 -23.50
N ASN A 361 7.84 19.24 -23.65
CA ASN A 361 7.57 19.83 -24.95
C ASN A 361 8.82 20.29 -25.70
N MET A 362 10.02 20.10 -25.12
CA MET A 362 11.24 20.51 -25.78
C MET A 362 11.50 19.61 -26.95
N LYS A 363 11.48 20.18 -28.15
CA LYS A 363 11.76 19.46 -29.39
C LYS A 363 13.27 19.49 -29.69
N PHE A 364 13.76 18.46 -30.39
CA PHE A 364 15.16 18.35 -30.81
C PHE A 364 15.26 17.93 -32.29
N LYS A 365 16.46 18.00 -32.91
CA LYS A 365 16.64 17.64 -34.33
C LYS A 365 18.09 17.28 -34.65
N LEU A 366 18.37 16.63 -35.80
CA LEU A 366 19.76 16.34 -36.19
C LEU A 366 20.49 17.64 -36.57
N LYS A 367 21.82 17.65 -36.48
CA LYS A 367 22.60 18.84 -36.80
C LYS A 367 22.51 19.28 -38.28
N GLU A 371 25.32 10.51 -35.71
CA GLU A 371 24.17 11.41 -35.54
C GLU A 371 24.32 12.30 -34.28
N GLN A 372 23.83 13.54 -34.36
CA GLN A 372 23.92 14.45 -33.23
C GLN A 372 22.72 15.38 -33.12
N ALA A 373 22.13 15.43 -31.92
CA ALA A 373 21.00 16.28 -31.63
C ALA A 373 21.43 17.70 -31.33
N GLU A 374 20.59 18.62 -31.74
CA GLU A 374 20.69 20.05 -31.51
C GLU A 374 19.26 20.56 -31.23
N PRO A 375 19.11 21.54 -30.33
CA PRO A 375 17.75 22.01 -29.98
C PRO A 375 16.94 22.46 -31.18
N ASP A 376 15.65 22.15 -31.17
CA ASP A 376 14.75 22.56 -32.25
C ASP A 376 13.77 23.58 -31.68
N GLY A 377 14.23 24.79 -31.39
CA GLY A 377 13.38 25.83 -30.82
C GLY A 377 13.50 25.89 -29.32
N THR A 378 13.97 27.03 -28.79
CA THR A 378 14.20 27.17 -27.36
C THR A 378 13.04 27.69 -26.53
N GLU A 379 11.86 27.93 -27.12
CA GLU A 379 10.72 28.50 -26.39
C GLU A 379 10.38 27.75 -25.08
N GLU A 380 10.18 26.41 -25.15
CA GLU A 380 9.84 25.61 -23.97
C GLU A 380 11.05 25.38 -23.07
N ALA A 381 12.22 25.19 -23.68
CA ALA A 381 13.48 25.03 -22.95
C ALA A 381 13.76 26.25 -22.05
N ASP A 382 13.37 27.44 -22.51
CA ASP A 382 13.52 28.67 -21.77
C ASP A 382 12.59 28.72 -20.57
N LYS A 383 11.29 28.46 -20.78
CA LYS A 383 10.30 28.46 -19.70
C LYS A 383 10.69 27.49 -18.57
N SER A 384 11.22 26.29 -18.92
CA SER A 384 11.64 25.30 -17.92
C SER A 384 12.86 25.84 -17.15
N ALA A 385 13.88 26.34 -17.88
CA ALA A 385 15.11 26.87 -17.31
C ALA A 385 14.87 27.97 -16.30
N TYR A 386 13.81 28.77 -16.48
CA TYR A 386 13.51 29.83 -15.53
C TYR A 386 12.89 29.34 -14.25
N LEU A 387 11.85 28.49 -14.34
CA LEU A 387 11.19 27.94 -13.17
C LEU A 387 12.20 27.12 -12.32
N MET A 388 13.16 26.46 -13.00
CA MET A 388 14.23 25.70 -12.36
C MET A 388 15.38 26.58 -11.84
N GLY A 389 15.55 27.75 -12.43
CA GLY A 389 16.60 28.69 -12.01
C GLY A 389 17.96 28.36 -12.56
N LEU A 390 18.04 28.15 -13.89
CA LEU A 390 19.30 27.83 -14.54
C LEU A 390 19.43 28.51 -15.93
N ASN A 391 20.62 28.49 -16.55
CA ASN A 391 20.81 29.09 -17.87
CA ASN A 391 20.80 29.09 -17.87
C ASN A 391 20.21 28.17 -18.94
N SER A 392 19.27 28.69 -19.72
CA SER A 392 18.61 27.95 -20.79
C SER A 392 19.58 27.33 -21.78
N ALA A 393 20.63 28.05 -22.18
CA ALA A 393 21.61 27.55 -23.13
C ALA A 393 22.48 26.46 -22.51
N ASP A 394 22.78 26.58 -21.21
CA ASP A 394 23.58 25.58 -20.50
C ASP A 394 22.76 24.30 -20.31
N LEU A 395 21.44 24.43 -20.10
CA LEU A 395 20.56 23.29 -19.96
C LEU A 395 20.51 22.53 -21.29
N LEU A 396 20.37 23.25 -22.41
CA LEU A 396 20.33 22.62 -23.71
C LEU A 396 21.65 21.99 -24.11
N LYS A 397 22.79 22.55 -23.65
CA LYS A 397 24.09 21.96 -23.96
C LYS A 397 24.48 20.82 -23.03
N GLY A 398 23.85 20.75 -21.87
CA GLY A 398 24.03 19.64 -20.96
C GLY A 398 23.32 18.43 -21.55
N LEU A 399 22.09 18.65 -22.02
CA LEU A 399 21.28 17.61 -22.63
C LEU A 399 21.92 17.07 -23.90
N CYS A 400 22.41 17.97 -24.78
CA CYS A 400 22.99 17.56 -26.05
C CYS A 400 24.44 17.08 -25.97
N HIS A 401 25.32 17.81 -25.26
CA HIS A 401 26.72 17.38 -25.14
C HIS A 401 27.13 17.20 -23.67
N PRO A 402 26.79 16.07 -23.04
CA PRO A 402 27.14 15.88 -21.62
C PRO A 402 28.63 15.67 -21.39
N ARG A 403 29.17 16.28 -20.34
CA ARG A 403 30.57 16.22 -19.94
C ARG A 403 31.03 14.83 -19.52
N VAL A 404 32.29 14.47 -19.86
CA VAL A 404 32.93 13.19 -19.52
C VAL A 404 34.24 13.55 -18.81
N LYS A 405 34.40 13.08 -17.58
CA LYS A 405 35.55 13.45 -16.78
C LYS A 405 36.87 12.89 -17.30
N VAL A 406 37.82 13.79 -17.53
CA VAL A 406 39.17 13.47 -18.00
C VAL A 406 40.12 14.05 -16.94
N GLY A 407 40.09 13.42 -15.76
CA GLY A 407 40.86 13.86 -14.62
C GLY A 407 40.25 15.14 -14.09
N ASN A 408 41.01 16.24 -14.15
CA ASN A 408 40.51 17.55 -13.72
C ASN A 408 39.95 18.39 -14.89
N GLU A 409 39.71 17.76 -16.06
CA GLU A 409 39.18 18.40 -17.27
C GLU A 409 37.96 17.61 -17.78
N TYR A 410 37.29 18.09 -18.86
CA TYR A 410 36.14 17.38 -19.39
C TYR A 410 36.03 17.40 -20.92
N VAL A 411 35.42 16.34 -21.48
CA VAL A 411 35.18 16.15 -22.91
C VAL A 411 33.70 15.91 -23.12
N THR A 412 33.07 16.57 -24.12
CA THR A 412 31.66 16.32 -24.38
C THR A 412 31.43 15.02 -25.12
N LYS A 413 30.42 14.30 -24.69
CA LYS A 413 29.93 13.09 -25.32
C LYS A 413 28.89 13.58 -26.34
N GLY A 414 28.67 12.76 -27.36
CA GLY A 414 27.67 13.08 -28.37
C GLY A 414 26.36 12.40 -28.04
N GLN A 415 25.24 13.05 -28.35
CA GLN A 415 23.93 12.43 -28.10
C GLN A 415 23.06 12.60 -29.32
N ASN A 416 22.42 11.52 -29.80
CA ASN A 416 21.48 11.64 -30.91
C ASN A 416 20.10 12.06 -30.35
N VAL A 417 19.12 12.40 -31.22
CA VAL A 417 17.78 12.81 -30.76
C VAL A 417 17.13 11.79 -29.82
N GLN A 418 17.30 10.49 -30.12
CA GLN A 418 16.79 9.37 -29.34
C GLN A 418 17.33 9.43 -27.92
N GLN A 419 18.65 9.65 -27.78
CA GLN A 419 19.32 9.76 -26.49
C GLN A 419 18.91 10.99 -25.67
N VAL A 420 18.86 12.19 -26.29
CA VAL A 420 18.51 13.42 -25.59
C VAL A 420 17.10 13.34 -25.06
N ILE A 421 16.17 12.80 -25.87
CA ILE A 421 14.77 12.64 -25.50
C ILE A 421 14.65 11.76 -24.27
N TYR A 422 15.36 10.63 -24.25
CA TYR A 422 15.34 9.72 -23.11
C TYR A 422 15.91 10.41 -21.88
N ALA A 423 17.04 11.12 -22.04
CA ALA A 423 17.73 11.81 -20.95
C ALA A 423 16.86 12.85 -20.29
N THR A 424 16.07 13.57 -21.11
CA THR A 424 15.14 14.61 -20.67
C THR A 424 14.03 13.99 -19.83
N GLY A 425 13.52 12.85 -20.28
CA GLY A 425 12.49 12.10 -19.59
C GLY A 425 13.00 11.62 -18.25
N ALA A 426 14.21 11.06 -18.23
CA ALA A 426 14.85 10.58 -17.00
C ALA A 426 14.98 11.69 -15.94
N LEU A 427 15.48 12.88 -16.35
CA LEU A 427 15.66 14.02 -15.44
C LEU A 427 14.33 14.54 -14.95
N ALA A 428 13.30 14.53 -15.80
CA ALA A 428 11.97 14.96 -15.39
C ALA A 428 11.43 13.97 -14.31
N LYS A 429 11.62 12.65 -14.50
CA LYS A 429 11.16 11.67 -13.51
C LYS A 429 11.98 11.76 -12.23
N ALA A 430 13.28 12.05 -12.34
CA ALA A 430 14.15 12.15 -11.18
C ALA A 430 13.77 13.36 -10.35
N VAL A 431 13.47 14.49 -10.99
CA VAL A 431 13.11 15.70 -10.25
C VAL A 431 11.79 15.45 -9.51
N TYR A 432 10.81 14.90 -10.22
CA TYR A 432 9.50 14.60 -9.66
C TYR A 432 9.58 13.66 -8.46
N GLU A 433 10.34 12.58 -8.60
CA GLU A 433 10.50 11.60 -7.54
C GLU A 433 11.19 12.22 -6.34
N ARG A 434 12.26 12.99 -6.57
CA ARG A 434 12.99 13.63 -5.49
C ARG A 434 12.18 14.73 -4.80
N MET A 435 11.22 15.33 -5.50
CA MET A 435 10.31 16.35 -4.97
C MET A 435 9.34 15.71 -4.00
N PHE A 436 8.82 14.51 -4.35
CA PHE A 436 7.92 13.71 -3.52
C PHE A 436 8.66 13.26 -2.27
N ASN A 437 9.91 12.77 -2.42
CA ASN A 437 10.70 12.38 -1.25
C ASN A 437 11.05 13.57 -0.37
N TRP A 438 11.18 14.76 -0.96
CA TRP A 438 11.47 15.98 -0.20
C TRP A 438 10.24 16.36 0.63
N MET A 439 9.08 16.32 -0.02
CA MET A 439 7.78 16.67 0.53
C MET A 439 7.45 15.80 1.72
N VAL A 440 7.73 14.47 1.61
CA VAL A 440 7.51 13.52 2.68
C VAL A 440 8.40 13.88 3.87
N THR A 441 9.67 14.18 3.61
CA THR A 441 10.60 14.62 4.64
C THR A 441 10.10 15.88 5.36
N ARG A 442 9.57 16.84 4.60
CA ARG A 442 9.06 18.07 5.19
C ARG A 442 7.86 17.80 6.08
N ILE A 443 6.93 16.93 5.62
CA ILE A 443 5.77 16.51 6.40
C ILE A 443 6.23 15.86 7.71
N ASN A 444 7.22 14.97 7.61
CA ASN A 444 7.82 14.31 8.75
C ASN A 444 8.44 15.28 9.74
N ALA A 445 9.16 16.31 9.24
CA ALA A 445 9.78 17.33 10.07
C ALA A 445 8.75 18.11 10.89
N THR A 446 7.51 18.34 10.36
CA THR A 446 6.48 19.02 11.16
C THR A 446 5.73 18.09 12.07
N LEU A 447 5.61 16.80 11.69
CA LEU A 447 4.96 15.74 12.49
C LEU A 447 5.86 15.26 13.66
N GLU A 448 7.17 15.54 13.57
CA GLU A 448 8.18 15.25 14.57
C GLU A 448 7.98 16.32 15.64
N THR A 449 7.37 15.93 16.76
CA THR A 449 7.07 16.86 17.85
C THR A 449 8.05 16.78 19.02
N LYS A 450 9.04 15.85 19.00
CA LYS A 450 10.02 15.69 20.08
C LYS A 450 9.33 15.57 21.48
N GLN A 451 8.13 15.00 21.49
CA GLN A 451 7.35 14.74 22.69
C GLN A 451 7.63 13.29 23.13
N PRO A 452 7.53 12.98 24.43
CA PRO A 452 7.81 11.59 24.88
C PRO A 452 6.96 10.52 24.20
N ARG A 453 7.64 9.59 23.50
CA ARG A 453 7.05 8.45 22.82
C ARG A 453 7.66 7.15 23.34
N GLN A 454 6.85 6.11 23.41
CA GLN A 454 7.29 4.81 23.91
C GLN A 454 6.87 3.66 22.98
N TYR A 455 5.71 3.80 22.31
CA TYR A 455 5.22 2.77 21.40
C TYR A 455 4.77 3.40 20.06
N PHE A 456 4.27 2.58 19.13
CA PHE A 456 3.74 3.05 17.86
C PHE A 456 2.73 2.07 17.28
N ILE A 457 1.81 2.60 16.46
CA ILE A 457 0.84 1.82 15.71
C ILE A 457 1.08 2.19 14.24
N GLY A 458 1.67 1.28 13.48
CA GLY A 458 1.96 1.52 12.07
C GLY A 458 0.82 1.05 11.20
N VAL A 459 0.53 1.76 10.12
CA VAL A 459 -0.55 1.39 9.21
C VAL A 459 0.07 1.24 7.82
N LEU A 460 -0.15 0.10 7.17
CA LEU A 460 0.45 -0.15 5.86
C LEU A 460 -0.52 -0.07 4.73
N ASP A 461 -0.33 0.95 3.88
CA ASP A 461 -1.14 1.19 2.68
C ASP A 461 -0.20 1.08 1.48
N ILE A 462 -0.09 -0.12 0.87
CA ILE A 462 0.73 -0.38 -0.32
C ILE A 462 -0.11 -0.18 -1.62
N ALA A 463 0.56 -0.18 -2.79
CA ALA A 463 -0.17 -0.12 -4.06
C ALA A 463 -0.77 -1.55 -4.26
N GLY A 464 -2.07 -1.62 -4.52
CA GLY A 464 -2.78 -2.88 -4.63
C GLY A 464 -2.44 -3.74 -5.83
N PHE A 465 -2.82 -5.04 -5.79
CA PHE A 465 -2.55 -5.98 -6.87
C PHE A 465 -3.23 -5.52 -8.14
N GLU A 466 -2.46 -5.37 -9.23
CA GLU A 466 -3.06 -4.89 -10.47
C GLU A 466 -2.66 -5.67 -11.73
N ILE A 467 -3.61 -5.74 -12.67
CA ILE A 467 -3.41 -6.35 -13.97
C ILE A 467 -3.97 -5.39 -15.03
N PHE A 468 -3.09 -4.83 -15.83
CA PHE A 468 -3.41 -3.91 -16.90
C PHE A 468 -3.39 -4.63 -18.25
N ASP A 469 -3.91 -3.97 -19.30
CA ASP A 469 -3.79 -4.55 -20.64
C ASP A 469 -2.31 -4.65 -21.09
N PHE A 470 -1.40 -3.92 -20.39
CA PHE A 470 0.04 -3.90 -20.60
C PHE A 470 0.74 -3.82 -19.23
N ASN A 471 1.45 -4.90 -18.85
CA ASN A 471 2.14 -4.99 -17.57
C ASN A 471 3.65 -4.89 -17.71
N SER A 472 4.25 -3.88 -17.07
CA SER A 472 5.68 -3.69 -17.15
C SER A 472 6.38 -3.95 -15.79
N PHE A 473 7.60 -3.43 -15.64
CA PHE A 473 8.41 -3.59 -14.44
C PHE A 473 7.68 -3.09 -13.20
N GLU A 474 7.04 -1.95 -13.31
CA GLU A 474 6.28 -1.34 -12.21
C GLU A 474 5.21 -2.28 -11.65
N GLN A 475 4.49 -2.97 -12.54
CA GLN A 475 3.47 -3.91 -12.11
C GLN A 475 4.08 -5.08 -11.40
N LEU A 476 5.27 -5.56 -11.85
CA LEU A 476 5.94 -6.66 -11.15
C LEU A 476 6.34 -6.25 -9.74
N CYS A 477 6.86 -5.03 -9.58
CA CYS A 477 7.24 -4.53 -8.27
C CYS A 477 6.04 -4.43 -7.35
N ILE A 478 4.89 -3.97 -7.88
CA ILE A 478 3.65 -3.83 -7.13
C ILE A 478 3.07 -5.19 -6.74
N ASN A 479 2.89 -6.09 -7.71
CA ASN A 479 2.36 -7.42 -7.48
C ASN A 479 3.26 -8.28 -6.62
N PHE A 480 4.58 -8.03 -6.65
CA PHE A 480 5.55 -8.76 -5.84
C PHE A 480 5.32 -8.40 -4.36
N THR A 481 5.16 -7.11 -4.05
CA THR A 481 4.88 -6.63 -2.70
C THR A 481 3.59 -7.24 -2.16
N ASN A 482 2.57 -7.36 -3.03
CA ASN A 482 1.29 -7.94 -2.65
C ASN A 482 1.40 -9.41 -2.31
N GLU A 483 2.26 -10.13 -3.06
CA GLU A 483 2.55 -11.53 -2.81
C GLU A 483 3.25 -11.64 -1.47
N LYS A 484 4.24 -10.76 -1.21
CA LYS A 484 5.01 -10.72 0.02
C LYS A 484 4.13 -10.49 1.24
N LEU A 485 3.21 -9.52 1.14
CA LEU A 485 2.27 -9.20 2.22
C LEU A 485 1.30 -10.36 2.48
N GLN A 486 0.86 -11.05 1.41
CA GLN A 486 -0.01 -12.23 1.52
C GLN A 486 0.76 -13.35 2.25
N GLN A 487 2.05 -13.52 1.91
CA GLN A 487 2.86 -14.51 2.59
C GLN A 487 3.05 -14.14 4.06
N PHE A 488 3.11 -12.84 4.40
CA PHE A 488 3.22 -12.37 5.79
C PHE A 488 1.99 -12.83 6.57
N PHE A 489 0.79 -12.66 5.96
CA PHE A 489 -0.47 -13.11 6.54
C PHE A 489 -0.41 -14.64 6.76
N ASN A 490 -0.03 -15.39 5.70
CA ASN A 490 0.11 -16.84 5.74
C ASN A 490 1.00 -17.30 6.90
N HIS A 491 2.24 -16.81 6.96
CA HIS A 491 3.17 -17.19 8.00
C HIS A 491 2.66 -16.89 9.42
N HIS A 492 2.09 -15.71 9.63
CA HIS A 492 1.60 -15.33 10.95
C HIS A 492 0.38 -16.16 11.38
N MET A 493 -0.62 -16.25 10.50
CA MET A 493 -1.87 -16.89 10.79
C MET A 493 -1.82 -18.37 10.78
N PHE A 494 -0.97 -18.96 9.94
CA PHE A 494 -0.96 -20.41 9.80
C PHE A 494 0.29 -21.08 10.37
N VAL A 495 1.47 -20.44 10.30
CA VAL A 495 2.67 -21.07 10.86
C VAL A 495 2.91 -20.70 12.34
N LEU A 496 3.08 -19.40 12.64
CA LEU A 496 3.35 -18.94 13.99
C LEU A 496 2.28 -19.33 14.97
N ASP A 497 1.00 -19.29 14.54
CA ASP A 497 -0.11 -19.62 15.42
C ASP A 497 -0.06 -21.05 15.93
N GLN A 498 0.17 -22.00 15.02
CA GLN A 498 0.24 -23.41 15.39
C GLN A 498 1.52 -23.71 16.17
N GLU A 499 2.63 -23.01 15.84
CA GLU A 499 3.89 -23.17 16.57
C GLU A 499 3.73 -22.79 18.06
N GLU A 500 2.78 -21.87 18.37
CA GLU A 500 2.49 -21.45 19.74
C GLU A 500 1.74 -22.55 20.49
N TYR A 501 0.90 -23.35 19.79
CA TYR A 501 0.22 -24.47 20.42
C TYR A 501 1.25 -25.50 20.88
N LYS A 502 2.35 -25.72 20.12
CA LYS A 502 3.38 -26.66 20.57
C LYS A 502 4.15 -26.06 21.73
N LYS A 503 4.51 -24.74 21.63
CA LYS A 503 5.27 -24.04 22.67
C LYS A 503 4.58 -24.09 24.02
N GLU A 504 3.26 -23.90 24.02
CA GLU A 504 2.49 -23.95 25.26
C GLU A 504 2.06 -25.33 25.70
N GLY A 505 2.61 -26.37 25.11
CA GLY A 505 2.27 -27.73 25.48
C GLY A 505 0.81 -28.08 25.28
N ILE A 506 0.19 -27.58 24.20
CA ILE A 506 -1.20 -27.85 23.84
C ILE A 506 -1.26 -29.06 22.85
N GLU A 507 -2.32 -29.91 22.99
CA GLU A 507 -2.55 -31.05 22.11
C GLU A 507 -2.94 -30.47 20.75
N TRP A 508 -2.08 -30.62 19.73
CA TRP A 508 -2.33 -30.01 18.44
C TRP A 508 -1.67 -30.72 17.25
N THR A 509 -2.51 -31.17 16.32
CA THR A 509 -2.04 -31.80 15.09
C THR A 509 -1.90 -30.70 14.05
N PHE A 510 -0.67 -30.45 13.55
CA PHE A 510 -0.42 -29.40 12.57
C PHE A 510 -1.30 -29.56 11.32
N ILE A 511 -2.02 -28.50 10.95
CA ILE A 511 -2.90 -28.51 9.80
C ILE A 511 -2.23 -27.82 8.62
N ASP A 512 -2.15 -28.50 7.46
CA ASP A 512 -1.60 -27.89 6.27
C ASP A 512 -2.78 -27.23 5.55
N PHE A 513 -2.86 -25.88 5.63
CA PHE A 513 -3.93 -25.11 5.01
C PHE A 513 -3.69 -24.73 3.53
N GLY A 514 -2.55 -25.14 2.97
CA GLY A 514 -2.19 -24.89 1.58
C GLY A 514 -2.00 -23.41 1.29
N MET A 515 -1.41 -22.71 2.26
CA MET A 515 -1.15 -21.29 2.18
C MET A 515 0.35 -21.06 2.27
N ASP A 516 1.03 -21.11 1.14
CA ASP A 516 2.47 -20.91 1.11
C ASP A 516 2.85 -20.46 -0.27
N LEU A 517 3.13 -19.17 -0.44
CA LEU A 517 3.55 -18.65 -1.75
C LEU A 517 5.08 -18.58 -1.86
N GLN A 518 5.83 -19.39 -1.08
CA GLN A 518 7.29 -19.34 -1.16
C GLN A 518 7.81 -19.61 -2.57
N ALA A 519 7.10 -20.45 -3.33
CA ALA A 519 7.47 -20.76 -4.71
C ALA A 519 7.52 -19.51 -5.60
N CYS A 520 6.47 -18.67 -5.55
CA CYS A 520 6.43 -17.46 -6.36
C CYS A 520 7.35 -16.35 -5.85
N ILE A 521 7.48 -16.24 -4.53
CA ILE A 521 8.34 -15.23 -3.92
C ILE A 521 9.81 -15.50 -4.28
N ASP A 522 10.28 -16.74 -4.05
CA ASP A 522 11.63 -17.21 -4.39
C ASP A 522 11.93 -17.04 -5.88
N LEU A 523 10.91 -17.24 -6.75
CA LEU A 523 11.06 -17.07 -8.20
C LEU A 523 11.43 -15.62 -8.54
N ILE A 524 10.87 -14.65 -7.81
CA ILE A 524 11.15 -13.25 -8.05
C ILE A 524 12.39 -12.71 -7.31
N GLU A 525 12.46 -12.87 -5.97
CA GLU A 525 13.54 -12.29 -5.17
C GLU A 525 14.82 -13.12 -4.96
N LYS A 526 14.71 -14.45 -4.96
CA LYS A 526 15.88 -15.30 -4.66
C LYS A 526 16.95 -15.27 -5.75
N PRO A 527 18.23 -15.63 -5.42
CA PRO A 527 19.29 -15.63 -6.44
C PRO A 527 18.92 -16.47 -7.66
N MET A 528 19.24 -15.92 -8.82
CA MET A 528 18.90 -16.44 -10.13
C MET A 528 17.40 -16.37 -10.45
N GLY A 529 16.65 -15.59 -9.67
CA GLY A 529 15.24 -15.33 -9.92
C GLY A 529 15.07 -14.09 -10.78
N ILE A 530 13.85 -13.82 -11.27
CA ILE A 530 13.54 -12.70 -12.18
C ILE A 530 14.29 -11.39 -11.86
N MET A 531 14.27 -10.97 -10.59
CA MET A 531 14.94 -9.75 -10.18
C MET A 531 16.46 -9.87 -10.10
N SER A 532 16.98 -11.02 -9.65
CA SER A 532 18.43 -11.22 -9.59
C SER A 532 19.03 -11.24 -10.99
N ILE A 533 18.31 -11.86 -11.95
CA ILE A 533 18.70 -11.92 -13.35
C ILE A 533 18.75 -10.51 -13.92
N LEU A 534 17.71 -9.71 -13.63
CA LEU A 534 17.63 -8.31 -14.06
C LEU A 534 18.74 -7.45 -13.48
N GLU A 535 19.07 -7.64 -12.19
CA GLU A 535 20.12 -6.88 -11.53
C GLU A 535 21.51 -7.08 -12.10
N GLU A 536 21.86 -8.34 -12.44
CA GLU A 536 23.17 -8.64 -13.02
C GLU A 536 23.26 -8.13 -14.45
N GLU A 537 22.18 -8.30 -15.21
CA GLU A 537 22.10 -7.93 -16.61
C GLU A 537 22.35 -6.44 -16.86
N CYS A 538 21.91 -5.57 -15.92
CA CYS A 538 22.12 -4.11 -15.99
C CYS A 538 23.61 -3.77 -16.03
N MET A 539 24.43 -4.56 -15.33
CA MET A 539 25.88 -4.39 -15.21
C MET A 539 26.66 -5.00 -16.40
N PHE A 540 26.05 -4.93 -17.58
CA PHE A 540 26.59 -5.38 -18.83
C PHE A 540 26.22 -4.33 -19.85
N PRO A 541 27.22 -3.72 -20.50
CA PRO A 541 26.91 -2.61 -21.44
C PRO A 541 26.29 -3.12 -22.75
N LYS A 542 26.71 -4.32 -23.20
CA LYS A 542 26.23 -5.00 -24.40
C LYS A 542 25.13 -6.03 -24.07
N ALA A 543 24.21 -5.66 -23.17
CA ALA A 543 23.10 -6.55 -22.81
C ALA A 543 21.82 -5.92 -23.31
N THR A 544 21.02 -6.67 -24.05
CA THR A 544 19.78 -6.15 -24.63
C THR A 544 18.54 -6.74 -23.93
N ASP A 545 17.32 -6.26 -24.28
CA ASP A 545 16.07 -6.78 -23.72
C ASP A 545 15.95 -8.29 -24.00
N MET A 546 16.34 -8.71 -25.21
CA MET A 546 16.21 -10.10 -25.60
C MET A 546 17.26 -11.03 -24.99
N THR A 547 18.38 -10.48 -24.48
CA THR A 547 19.33 -11.31 -23.76
C THR A 547 18.75 -11.56 -22.36
N PHE A 548 18.05 -10.56 -21.76
CA PHE A 548 17.38 -10.65 -20.46
C PHE A 548 16.24 -11.67 -20.55
N MLY A 549 15.42 -11.60 -21.61
CA MLY A 549 14.34 -12.55 -21.81
CB MLY A 549 13.57 -12.16 -23.08
CG MLY A 549 12.62 -13.24 -23.62
CD MLY A 549 11.45 -12.51 -24.28
CE MLY A 549 10.44 -13.52 -24.81
NZ MLY A 549 10.81 -13.84 -26.19
CH1 MLY A 549 10.97 -15.33 -26.22
CH2 MLY A 549 9.73 -13.34 -27.09
C MLY A 549 14.93 -13.94 -21.95
O MLY A 549 14.46 -14.88 -21.30
N ALA A 550 16.02 -14.08 -22.74
CA ALA A 550 16.71 -15.35 -22.92
C ALA A 550 17.20 -15.92 -21.60
N LYS A 551 17.87 -15.12 -20.74
CA LYS A 551 18.34 -15.60 -19.43
C LYS A 551 17.15 -16.02 -18.57
N LEU A 552 16.05 -15.23 -18.60
CA LEU A 552 14.85 -15.54 -17.85
C LEU A 552 14.28 -16.90 -18.25
N PHE A 553 14.23 -17.17 -19.55
CA PHE A 553 13.68 -18.42 -20.07
C PHE A 553 14.58 -19.61 -19.87
N ASP A 554 15.88 -19.46 -20.19
CA ASP A 554 16.90 -20.49 -20.03
CA ASP A 554 16.87 -20.53 -20.04
C ASP A 554 16.97 -21.00 -18.58
N ASN A 555 16.69 -20.12 -17.62
CA ASN A 555 16.75 -20.47 -16.22
C ASN A 555 15.42 -20.93 -15.63
N HIS A 556 14.29 -20.37 -16.08
CA HIS A 556 13.01 -20.69 -15.42
C HIS A 556 11.95 -21.42 -16.23
N LEU A 557 11.92 -21.36 -17.58
CA LEU A 557 10.90 -22.10 -18.32
C LEU A 557 11.14 -23.61 -18.15
N GLY A 558 10.09 -24.32 -17.71
CA GLY A 558 10.12 -25.74 -17.44
C GLY A 558 10.76 -26.11 -16.12
N LYS A 559 11.21 -25.12 -15.35
CA LYS A 559 11.88 -25.34 -14.08
C LYS A 559 11.09 -24.70 -12.93
N SER A 560 10.63 -23.46 -13.15
CA SER A 560 9.83 -22.76 -12.15
C SER A 560 8.39 -22.93 -12.51
N ALA A 561 7.60 -23.56 -11.63
CA ALA A 561 6.18 -23.82 -11.88
C ALA A 561 5.38 -22.55 -12.08
N ASN A 562 5.75 -21.49 -11.36
CA ASN A 562 5.03 -20.23 -11.47
C ASN A 562 5.44 -19.37 -12.65
N PHE A 563 6.48 -19.76 -13.40
CA PHE A 563 6.91 -19.02 -14.58
C PHE A 563 6.40 -19.78 -15.78
N GLN A 564 5.57 -19.16 -16.62
CA GLN A 564 5.00 -19.82 -17.80
C GLN A 564 5.15 -19.00 -19.09
N LYS A 565 4.95 -19.62 -20.28
CA LYS A 565 4.97 -18.89 -21.56
C LYS A 565 3.75 -17.95 -21.56
N PRO A 566 3.87 -16.72 -22.10
CA PRO A 566 2.74 -15.80 -22.04
C PRO A 566 1.48 -16.34 -22.71
N ARG A 567 0.35 -16.13 -22.06
CA ARG A 567 -0.94 -16.59 -22.58
C ARG A 567 -1.63 -15.40 -23.25
N ASN A 568 -1.37 -15.21 -24.55
CA ASN A 568 -1.92 -14.08 -25.28
C ASN A 568 -3.23 -14.40 -26.01
N GLY A 571 -3.94 -8.71 -31.16
CA GLY A 571 -4.82 -7.61 -30.79
C GLY A 571 -4.38 -6.91 -29.52
N LYS A 572 -4.31 -7.67 -28.40
CA LYS A 572 -3.89 -7.18 -27.08
C LYS A 572 -2.37 -7.11 -27.02
N PRO A 573 -1.78 -6.02 -26.45
CA PRO A 573 -0.30 -5.88 -26.38
C PRO A 573 0.52 -7.16 -26.14
N GLU A 574 1.61 -7.34 -26.92
CA GLU A 574 2.48 -8.53 -26.83
C GLU A 574 3.20 -8.71 -25.49
N ALA A 575 3.04 -9.89 -24.87
CA ALA A 575 3.69 -10.18 -23.60
C ALA A 575 4.92 -11.06 -23.81
N HIS A 576 5.89 -10.94 -22.91
CA HIS A 576 7.11 -11.70 -22.98
C HIS A 576 7.12 -12.92 -22.09
N PHE A 577 6.47 -12.85 -20.91
CA PHE A 577 6.37 -14.02 -20.03
C PHE A 577 5.10 -14.00 -19.15
N SER A 578 4.84 -15.08 -18.41
CA SER A 578 3.68 -15.14 -17.53
C SER A 578 4.11 -15.46 -16.09
N LEU A 579 3.34 -15.00 -15.11
CA LEU A 579 3.67 -15.27 -13.71
C LEU A 579 2.44 -15.65 -12.90
N ILE A 580 2.42 -16.85 -12.33
CA ILE A 580 1.30 -17.29 -11.52
C ILE A 580 1.39 -16.62 -10.15
N HIS A 581 0.80 -15.42 -10.04
CA HIS A 581 0.76 -14.74 -8.76
C HIS A 581 -0.36 -15.34 -7.91
N TYR A 582 -0.35 -15.05 -6.60
CA TYR A 582 -1.38 -15.53 -5.65
C TYR A 582 -2.79 -15.12 -6.13
N ALA A 583 -2.92 -13.90 -6.69
CA ALA A 583 -4.19 -13.38 -7.15
C ALA A 583 -4.45 -13.57 -8.66
N GLY A 584 -3.62 -14.35 -9.35
CA GLY A 584 -3.83 -14.63 -10.77
C GLY A 584 -2.60 -14.58 -11.64
N ILE A 585 -2.75 -15.01 -12.90
CA ILE A 585 -1.63 -15.00 -13.84
C ILE A 585 -1.47 -13.63 -14.45
N VAL A 586 -0.28 -13.04 -14.34
CA VAL A 586 -0.02 -11.71 -14.89
C VAL A 586 0.98 -11.82 -16.04
N ASP A 587 0.61 -11.30 -17.24
CA ASP A 587 1.49 -11.36 -18.39
C ASP A 587 2.39 -10.16 -18.38
N TYR A 588 3.70 -10.39 -18.27
CA TYR A 588 4.64 -9.30 -18.20
C TYR A 588 5.36 -9.07 -19.51
N ASN A 589 5.68 -7.80 -19.79
CA ASN A 589 6.40 -7.37 -20.98
C ASN A 589 7.71 -6.77 -20.45
N ILE A 590 8.86 -7.36 -20.84
CA ILE A 590 10.18 -6.96 -20.36
C ILE A 590 10.86 -5.83 -21.14
N ILE A 591 10.12 -5.09 -21.98
CA ILE A 591 10.74 -4.01 -22.75
C ILE A 591 11.05 -2.82 -21.86
N GLY A 592 12.35 -2.47 -21.82
CA GLY A 592 12.86 -1.34 -21.05
C GLY A 592 13.18 -1.64 -19.59
N TRP A 593 13.07 -2.92 -19.17
CA TRP A 593 13.33 -3.28 -17.78
C TRP A 593 14.77 -2.99 -17.39
N LEU A 594 15.70 -3.25 -18.30
CA LEU A 594 17.12 -2.97 -18.08
C LEU A 594 17.39 -1.50 -17.81
N GLN A 595 16.78 -0.61 -18.60
CA GLN A 595 16.97 0.83 -18.44
C GLN A 595 16.23 1.38 -17.21
N LYS A 596 15.08 0.75 -16.85
CA LYS A 596 14.28 1.15 -15.68
C LYS A 596 14.98 0.79 -14.39
N ASN A 597 15.65 -0.35 -14.35
CA ASN A 597 16.35 -0.78 -13.15
C ASN A 597 17.62 0.02 -12.93
N LYS A 598 18.33 0.39 -14.01
CA LYS A 598 19.57 1.15 -13.92
C LYS A 598 19.29 2.59 -13.46
N ASP A 599 18.26 3.23 -14.04
CA ASP A 599 17.85 4.60 -13.71
C ASP A 599 18.99 5.63 -13.88
N PRO A 600 19.70 5.66 -15.03
CA PRO A 600 20.82 6.60 -15.17
C PRO A 600 20.39 8.03 -15.43
N LEU A 601 21.24 9.01 -15.09
CA LEU A 601 20.92 10.41 -15.30
C LEU A 601 21.99 11.14 -16.08
N ASN A 602 21.61 12.24 -16.78
CA ASN A 602 22.58 13.08 -17.46
C ASN A 602 23.14 13.92 -16.34
N GLU A 603 24.33 13.58 -15.85
CA GLU A 603 24.91 14.25 -14.70
C GLU A 603 25.36 15.67 -14.97
N THR A 604 25.52 16.07 -16.25
CA THR A 604 25.86 17.47 -16.56
C THR A 604 24.69 18.37 -16.16
N VAL A 605 23.47 17.92 -16.48
CA VAL A 605 22.28 18.64 -16.09
C VAL A 605 22.09 18.57 -14.58
N VAL A 606 22.26 17.38 -13.94
CA VAL A 606 22.11 17.30 -12.48
C VAL A 606 23.12 18.21 -11.76
N GLY A 607 24.28 18.45 -12.38
CA GLY A 607 25.29 19.36 -11.83
C GLY A 607 24.77 20.77 -11.82
N LEU A 608 24.07 21.17 -12.91
CA LEU A 608 23.43 22.47 -13.07
C LEU A 608 22.35 22.63 -12.02
N TYR A 609 21.60 21.54 -11.74
CA TYR A 609 20.54 21.45 -10.76
C TYR A 609 21.10 21.73 -9.38
N GLN A 610 22.29 21.20 -9.06
CA GLN A 610 22.92 21.44 -7.76
C GLN A 610 23.29 22.91 -7.57
N LYS A 611 23.69 23.60 -8.64
CA LYS A 611 24.04 25.02 -8.60
C LYS A 611 22.83 25.96 -8.82
N SER A 612 21.63 25.42 -9.12
CA SER A 612 20.39 26.17 -9.36
C SER A 612 20.10 27.26 -8.36
N SER A 613 19.47 28.35 -8.84
CA SER A 613 19.07 29.49 -8.02
C SER A 613 17.74 29.33 -7.27
N LEU A 614 17.13 28.15 -7.38
CA LEU A 614 15.89 27.78 -6.74
C LEU A 614 16.35 26.82 -5.67
N LYS A 615 16.25 27.22 -4.40
CA LYS A 615 16.76 26.41 -3.29
C LYS A 615 16.22 24.98 -3.28
N LEU A 616 14.91 24.79 -3.59
CA LEU A 616 14.31 23.46 -3.64
C LEU A 616 15.02 22.54 -4.61
N LEU A 617 15.25 23.00 -5.86
CA LEU A 617 15.93 22.19 -6.86
C LEU A 617 17.38 21.87 -6.48
N SER A 618 18.07 22.81 -5.82
CA SER A 618 19.44 22.57 -5.39
C SER A 618 19.47 21.50 -4.29
N THR A 619 18.49 21.53 -3.37
CA THR A 619 18.42 20.58 -2.25
C THR A 619 17.96 19.19 -2.67
N LEU A 620 17.09 19.07 -3.69
CA LEU A 620 16.68 17.74 -4.18
C LEU A 620 17.91 16.97 -4.69
N PHE A 621 18.87 17.69 -5.30
CA PHE A 621 20.04 17.07 -5.87
C PHE A 621 21.33 17.25 -5.09
N ALA A 622 21.27 17.82 -3.87
CA ALA A 622 22.49 18.00 -3.06
C ALA A 622 23.05 16.66 -2.59
N ASN A 623 22.15 15.76 -2.21
CA ASN A 623 22.54 14.43 -1.77
C ASN A 623 23.02 13.51 -2.92
N TYR A 624 22.90 13.95 -4.18
CA TYR A 624 23.25 13.12 -5.34
C TYR A 624 24.70 12.70 -5.37
N ALA A 625 24.90 11.39 -5.53
CA ALA A 625 26.23 10.83 -5.64
C ALA A 625 26.37 10.34 -7.08
N GLY A 626 27.31 10.94 -7.80
CA GLY A 626 27.53 10.60 -9.19
C GLY A 626 28.20 9.27 -9.45
N ALA A 627 28.38 8.96 -10.74
CA ALA A 627 29.03 7.75 -11.25
C ALA A 627 30.45 7.70 -10.71
N ASP A 628 30.71 6.75 -9.79
CA ASP A 628 31.99 6.58 -9.13
C ASP A 628 33.20 6.62 -10.07
N ALA A 629 34.28 7.23 -9.58
CA ALA A 629 35.51 7.40 -10.34
C ALA A 629 36.08 6.06 -10.75
N PRO A 630 36.65 5.98 -11.97
CA PRO A 630 37.27 4.73 -12.40
C PRO A 630 38.58 4.43 -11.68
N ILE A 631 38.97 3.16 -11.65
CA ILE A 631 40.19 2.74 -10.98
C ILE A 631 41.18 2.06 -11.95
N GLU A 632 42.46 1.96 -11.54
CA GLU A 632 43.47 1.31 -12.37
C GLU A 632 43.24 -0.20 -12.42
N LYS A 633 43.48 -0.82 -13.60
CA LYS A 633 43.34 -2.27 -13.84
C LYS A 633 41.90 -2.78 -13.64
N GLN A 645 23.78 0.98 -8.01
CA GLN A 645 22.71 0.26 -7.30
C GLN A 645 21.33 0.34 -8.00
N THR A 646 20.70 -0.84 -8.22
CA THR A 646 19.43 -1.01 -8.95
C THR A 646 18.15 -0.73 -8.13
N VAL A 647 17.03 -0.53 -8.84
CA VAL A 647 15.71 -0.27 -8.29
C VAL A 647 15.17 -1.50 -7.57
N SER A 648 15.22 -2.66 -8.23
CA SER A 648 14.75 -3.92 -7.69
C SER A 648 15.56 -4.33 -6.47
N ALA A 649 16.87 -4.03 -6.45
CA ALA A 649 17.70 -4.37 -5.31
C ALA A 649 17.28 -3.54 -4.11
N LEU A 650 17.07 -2.22 -4.30
CA LEU A 650 16.62 -1.34 -3.23
C LEU A 650 15.19 -1.68 -2.79
N HIS A 651 14.35 -2.17 -3.72
CA HIS A 651 12.97 -2.55 -3.43
C HIS A 651 12.91 -3.78 -2.55
N ARG A 652 13.71 -4.81 -2.87
CA ARG A 652 13.77 -6.01 -2.05
C ARG A 652 14.36 -5.63 -0.68
N GLU A 653 15.40 -4.81 -0.66
CA GLU A 653 16.04 -4.34 0.56
C GLU A 653 15.05 -3.64 1.48
N ASN A 654 14.20 -2.75 0.93
CA ASN A 654 13.17 -2.02 1.68
C ASN A 654 12.10 -2.96 2.16
N LEU A 655 11.65 -3.85 1.27
CA LEU A 655 10.58 -4.77 1.54
C LEU A 655 10.96 -5.78 2.61
N ASN A 656 12.20 -6.23 2.60
CA ASN A 656 12.68 -7.18 3.60
C ASN A 656 12.79 -6.46 4.93
N LYS A 657 13.35 -5.25 4.95
CA LYS A 657 13.44 -4.43 6.16
C LYS A 657 12.03 -4.16 6.73
N LEU A 658 11.04 -4.01 5.86
CA LEU A 658 9.66 -3.80 6.27
C LEU A 658 9.10 -5.06 6.91
N MET A 659 9.24 -6.21 6.25
CA MET A 659 8.72 -7.47 6.79
C MET A 659 9.38 -7.85 8.09
N THR A 660 10.70 -7.67 8.22
CA THR A 660 11.40 -7.98 9.47
C THR A 660 10.91 -7.07 10.60
N ASN A 661 10.64 -5.79 10.31
CA ASN A 661 10.16 -4.86 11.34
C ASN A 661 8.71 -5.14 11.74
N LEU A 662 7.88 -5.56 10.76
CA LEU A 662 6.47 -5.91 11.03
C LEU A 662 6.35 -7.12 11.93
N ARG A 663 7.31 -8.07 11.83
CA ARG A 663 7.34 -9.25 12.68
C ARG A 663 7.48 -8.92 14.17
N SER A 664 8.06 -7.76 14.49
CA SER A 664 8.20 -7.33 15.87
C SER A 664 6.97 -6.60 16.43
N THR A 665 5.88 -6.53 15.66
CA THR A 665 4.63 -5.89 16.02
C THR A 665 3.51 -6.93 16.10
N HIS A 666 2.37 -6.56 16.73
CA HIS A 666 1.19 -7.41 16.76
C HIS A 666 0.39 -6.94 15.55
N PRO A 667 0.20 -7.81 14.55
CA PRO A 667 -0.51 -7.39 13.34
C PRO A 667 -2.02 -7.58 13.37
N HIS A 668 -2.73 -6.65 12.77
CA HIS A 668 -4.17 -6.66 12.68
C HIS A 668 -4.49 -6.59 11.20
N PHE A 669 -5.05 -7.68 10.65
CA PHE A 669 -5.31 -7.76 9.23
C PHE A 669 -6.69 -7.27 8.85
N VAL A 670 -6.77 -6.42 7.83
CA VAL A 670 -8.00 -5.86 7.26
C VAL A 670 -7.95 -6.22 5.79
N ARG A 671 -8.80 -7.14 5.38
CA ARG A 671 -8.77 -7.64 4.02
C ARG A 671 -9.85 -6.96 3.23
N CYS A 672 -9.44 -6.14 2.25
CA CYS A 672 -10.37 -5.38 1.43
C CYS A 672 -10.77 -6.13 0.15
N ILE A 673 -12.09 -6.16 -0.12
CA ILE A 673 -12.66 -6.83 -1.26
C ILE A 673 -13.36 -5.84 -2.16
N ILE A 674 -12.90 -5.76 -3.42
CA ILE A 674 -13.52 -4.95 -4.47
C ILE A 674 -14.71 -5.80 -4.98
N PRO A 675 -15.95 -5.29 -4.85
CA PRO A 675 -17.10 -6.14 -5.20
C PRO A 675 -17.38 -6.29 -6.69
N ASN A 676 -17.10 -5.27 -7.50
CA ASN A 676 -17.37 -5.32 -8.94
C ASN A 676 -16.39 -4.45 -9.75
N GLU A 677 -16.17 -4.79 -11.02
CA GLU A 677 -15.22 -4.07 -11.87
C GLU A 677 -15.65 -2.65 -12.22
N THR A 678 -16.96 -2.43 -12.32
CA THR A 678 -17.48 -1.17 -12.80
C THR A 678 -17.82 -0.12 -11.72
N LYS A 679 -17.09 -0.08 -10.58
CA LYS A 679 -17.30 0.92 -9.51
C LYS A 679 -18.76 1.19 -9.17
N SER A 680 -19.60 0.15 -9.22
CA SER A 680 -21.04 0.23 -8.99
C SER A 680 -21.42 0.00 -7.53
N PRO A 681 -21.96 1.02 -6.86
CA PRO A 681 -22.30 0.88 -5.44
C PRO A 681 -23.42 -0.11 -5.11
N GLY A 682 -23.07 -1.16 -4.36
CA GLY A 682 -24.05 -2.16 -3.95
C GLY A 682 -24.04 -3.44 -4.77
N VAL A 683 -23.43 -3.40 -5.95
CA VAL A 683 -23.38 -4.57 -6.83
C VAL A 683 -22.27 -5.52 -6.38
N MET A 684 -22.57 -6.83 -6.22
CA MET A 684 -21.56 -7.79 -5.80
C MET A 684 -21.38 -8.91 -6.82
N ASP A 685 -20.24 -8.91 -7.54
CA ASP A 685 -19.92 -9.92 -8.55
C ASP A 685 -19.44 -11.14 -7.79
N ASN A 686 -20.33 -12.14 -7.60
CA ASN A 686 -20.01 -13.35 -6.84
C ASN A 686 -18.69 -14.03 -7.26
N PRO A 687 -18.34 -14.21 -8.56
CA PRO A 687 -17.05 -14.83 -8.88
C PRO A 687 -15.83 -13.98 -8.49
N LEU A 688 -15.90 -12.64 -8.66
CA LEU A 688 -14.81 -11.71 -8.32
C LEU A 688 -14.57 -11.70 -6.82
N VAL A 689 -15.64 -11.75 -6.02
CA VAL A 689 -15.57 -11.77 -4.55
C VAL A 689 -14.98 -13.09 -4.09
N MET A 690 -15.47 -14.20 -4.64
CA MET A 690 -15.01 -15.54 -4.29
C MET A 690 -13.53 -15.74 -4.64
N HIS A 691 -13.04 -15.12 -5.73
CA HIS A 691 -11.64 -15.20 -6.10
C HIS A 691 -10.78 -14.53 -5.04
N GLN A 692 -11.20 -13.35 -4.57
CA GLN A 692 -10.48 -12.64 -3.54
C GLN A 692 -10.45 -13.45 -2.23
N LEU A 693 -11.64 -13.83 -1.69
CA LEU A 693 -11.71 -14.63 -0.47
C LEU A 693 -10.86 -15.89 -0.53
N ARG A 694 -10.71 -16.47 -1.72
CA ARG A 694 -9.88 -17.66 -1.88
C ARG A 694 -8.40 -17.33 -1.81
N CYS A 695 -7.87 -16.45 -2.69
CA CYS A 695 -6.44 -16.16 -2.68
C CYS A 695 -5.97 -15.41 -1.42
N ASN A 696 -6.89 -14.76 -0.70
CA ASN A 696 -6.60 -14.11 0.59
C ASN A 696 -6.43 -15.16 1.69
N GLY A 697 -7.21 -16.22 1.61
CA GLY A 697 -7.19 -17.29 2.59
C GLY A 697 -8.16 -17.00 3.71
N VAL A 698 -9.31 -16.41 3.38
CA VAL A 698 -10.30 -16.06 4.39
C VAL A 698 -10.86 -17.30 5.05
N LEU A 699 -11.30 -18.28 4.25
CA LEU A 699 -11.84 -19.53 4.81
C LEU A 699 -10.83 -20.27 5.65
N GLU A 700 -9.58 -20.36 5.20
CA GLU A 700 -8.52 -21.02 5.95
C GLU A 700 -8.28 -20.30 7.27
N GLY A 701 -8.26 -18.97 7.22
CA GLY A 701 -8.09 -18.14 8.40
C GLY A 701 -9.24 -18.21 9.39
N ILE A 702 -10.42 -18.63 8.92
CA ILE A 702 -11.56 -18.77 9.80
C ILE A 702 -11.50 -20.13 10.50
N ARG A 703 -11.17 -21.19 9.75
CA ARG A 703 -11.04 -22.55 10.27
C ARG A 703 -10.01 -22.66 11.39
N ILE A 704 -8.86 -21.97 11.26
CA ILE A 704 -7.82 -22.06 12.29
C ILE A 704 -8.29 -21.45 13.62
N CYS A 705 -9.09 -20.39 13.55
CA CYS A 705 -9.66 -19.74 14.73
C CYS A 705 -10.70 -20.65 15.40
N ARG A 706 -11.50 -21.36 14.59
CA ARG A 706 -12.53 -22.27 15.04
C ARG A 706 -11.96 -23.55 15.63
N LYS A 707 -10.89 -24.09 15.04
CA LYS A 707 -10.26 -25.33 15.53
C LYS A 707 -9.31 -25.10 16.70
N GLY A 708 -8.76 -23.90 16.80
CA GLY A 708 -7.84 -23.57 17.87
C GLY A 708 -8.51 -22.87 19.03
N PHE A 709 -7.71 -22.13 19.81
CA PHE A 709 -8.16 -21.38 20.98
C PHE A 709 -7.62 -19.95 20.83
N PRO A 710 -8.44 -19.05 20.24
CA PRO A 710 -7.96 -17.70 19.90
C PRO A 710 -7.60 -16.77 21.06
N ASN A 711 -8.18 -16.99 22.24
CA ASN A 711 -7.87 -16.15 23.40
C ASN A 711 -6.93 -16.90 24.35
N ARG A 712 -5.88 -16.23 24.83
CA ARG A 712 -4.88 -16.82 25.72
C ARG A 712 -4.56 -15.88 26.87
N ILE A 713 -4.66 -16.33 28.14
CA ILE A 713 -4.35 -15.43 29.28
C ILE A 713 -3.33 -16.08 30.20
N LEU A 714 -2.29 -15.33 30.62
CA LEU A 714 -1.32 -15.83 31.59
C LEU A 714 -2.03 -16.18 32.91
N TYR A 715 -1.66 -17.28 33.56
CA TYR A 715 -2.32 -17.70 34.79
C TYR A 715 -2.33 -16.63 35.90
N GLY A 716 -1.30 -15.78 35.92
CA GLY A 716 -1.21 -14.69 36.88
C GLY A 716 -2.20 -13.58 36.56
N ASP A 717 -2.29 -13.18 35.28
CA ASP A 717 -3.22 -12.15 34.80
C ASP A 717 -4.67 -12.63 34.90
N PHE A 718 -4.90 -13.92 34.65
CA PHE A 718 -6.24 -14.50 34.74
C PHE A 718 -6.72 -14.47 36.17
N ARG A 719 -5.85 -14.82 37.13
CA ARG A 719 -6.17 -14.82 38.56
C ARG A 719 -6.49 -13.39 39.01
N GLN A 720 -5.68 -12.42 38.56
CA GLN A 720 -5.86 -11.01 38.90
C GLN A 720 -7.27 -10.51 38.55
N ARG A 721 -7.75 -10.82 37.34
CA ARG A 721 -9.03 -10.33 36.83
C ARG A 721 -10.27 -11.19 37.18
N TYR A 722 -10.19 -12.52 36.99
CA TYR A 722 -11.35 -13.37 37.19
C TYR A 722 -11.45 -14.07 38.53
N ARG A 723 -10.64 -13.68 39.53
CA ARG A 723 -10.73 -14.30 40.86
C ARG A 723 -12.11 -14.09 41.48
N ILE A 724 -12.71 -12.92 41.21
CA ILE A 724 -14.03 -12.48 41.66
C ILE A 724 -15.13 -13.53 41.39
N LEU A 725 -15.03 -14.26 40.27
CA LEU A 725 -16.02 -15.27 39.92
C LEU A 725 -16.26 -16.33 41.01
N ASN A 726 -15.21 -16.76 41.72
CA ASN A 726 -15.37 -17.72 42.82
C ASN A 726 -14.18 -17.76 43.79
N PRO A 727 -14.02 -16.73 44.64
CA PRO A 727 -12.89 -16.72 45.58
C PRO A 727 -13.01 -17.77 46.68
N ASP A 737 -0.93 -21.49 43.82
CA ASP A 737 -0.43 -21.53 42.44
C ASP A 737 -1.38 -20.81 41.50
N SER A 738 -0.81 -20.14 40.48
CA SER A 738 -1.60 -19.40 39.48
C SER A 738 -2.40 -20.39 38.62
N ARG A 739 -1.76 -21.51 38.20
CA ARG A 739 -2.40 -22.53 37.38
C ARG A 739 -3.41 -23.36 38.17
N LYS A 740 -2.98 -23.94 39.32
CA LYS A 740 -3.90 -24.74 40.13
C LYS A 740 -5.10 -23.91 40.68
N GLY A 741 -5.01 -22.58 40.61
CA GLY A 741 -6.09 -21.68 41.00
C GLY A 741 -7.06 -21.51 39.86
N ALA A 742 -6.52 -21.33 38.65
CA ALA A 742 -7.29 -21.23 37.40
C ALA A 742 -8.00 -22.57 37.06
N GLU A 743 -7.42 -23.70 37.48
CA GLU A 743 -7.98 -25.02 37.25
C GLU A 743 -9.21 -25.22 38.12
N LYS A 744 -9.12 -24.85 39.42
CA LYS A 744 -10.23 -24.99 40.35
C LYS A 744 -11.35 -24.02 40.03
N LEU A 745 -10.98 -22.78 39.70
CA LEU A 745 -11.94 -21.74 39.37
C LEU A 745 -12.76 -22.11 38.14
N LEU A 746 -12.09 -22.50 37.04
CA LEU A 746 -12.80 -22.87 35.82
C LEU A 746 -13.69 -24.12 35.97
N SER A 747 -13.25 -25.09 36.78
CA SER A 747 -14.04 -26.30 37.00
C SER A 747 -15.26 -26.02 37.88
N SER A 748 -15.13 -25.10 38.85
CA SER A 748 -16.24 -24.75 39.75
C SER A 748 -17.34 -23.90 39.09
N LEU A 749 -17.02 -23.22 37.99
CA LEU A 749 -18.00 -22.40 37.29
C LEU A 749 -18.92 -23.21 36.36
N ASP A 750 -20.06 -22.62 35.97
CA ASP A 750 -21.03 -23.28 35.10
C ASP A 750 -20.81 -22.95 33.61
N ILE A 751 -19.85 -23.68 33.00
CA ILE A 751 -19.45 -23.51 31.59
C ILE A 751 -19.14 -24.89 30.95
N ASP A 752 -19.05 -24.95 29.60
CA ASP A 752 -18.68 -26.17 28.90
C ASP A 752 -17.18 -26.36 29.17
N HIS A 753 -16.83 -27.36 29.97
CA HIS A 753 -15.45 -27.56 30.37
C HIS A 753 -14.54 -28.12 29.25
N ASN A 754 -15.07 -28.29 28.04
CA ASN A 754 -14.29 -28.72 26.89
C ASN A 754 -13.87 -27.53 26.00
N GLN A 755 -14.47 -26.34 26.20
CA GLN A 755 -14.18 -25.12 25.46
C GLN A 755 -12.88 -24.42 25.88
N TYR A 756 -12.11 -25.00 26.81
CA TYR A 756 -10.84 -24.41 27.24
C TYR A 756 -9.80 -25.46 27.54
N LYS A 757 -8.53 -25.17 27.23
CA LYS A 757 -7.44 -26.09 27.54
C LYS A 757 -6.35 -25.38 28.31
N PHE A 758 -5.59 -26.13 29.09
CA PHE A 758 -4.52 -25.56 29.91
C PHE A 758 -3.13 -25.70 29.28
N GLY A 759 -2.48 -24.55 29.11
CA GLY A 759 -1.13 -24.48 28.57
C GLY A 759 -0.07 -24.42 29.65
N HIS A 760 1.19 -24.27 29.26
CA HIS A 760 2.30 -24.20 30.19
C HIS A 760 2.20 -22.92 31.02
N THR A 761 2.05 -21.78 30.35
CA THR A 761 2.00 -20.48 31.01
C THR A 761 0.67 -19.73 30.82
N LYS A 762 -0.16 -20.16 29.87
CA LYS A 762 -1.42 -19.49 29.58
C LYS A 762 -2.62 -20.43 29.54
N VAL A 763 -3.81 -19.95 29.91
CA VAL A 763 -5.03 -20.73 29.78
C VAL A 763 -5.64 -20.35 28.42
N PHE A 764 -5.88 -21.36 27.59
CA PHE A 764 -6.39 -21.18 26.24
C PHE A 764 -7.89 -21.32 26.23
N PHE A 765 -8.58 -20.36 25.65
CA PHE A 765 -10.04 -20.39 25.57
C PHE A 765 -10.47 -20.46 24.15
N LYS A 766 -11.59 -21.16 23.88
CA LYS A 766 -12.14 -21.22 22.55
C LYS A 766 -12.96 -19.94 22.22
N ALA A 767 -13.42 -19.82 20.96
CA ALA A 767 -14.18 -18.65 20.54
C ALA A 767 -15.45 -18.43 21.37
N GLY A 768 -15.62 -17.22 21.85
CA GLY A 768 -16.80 -16.86 22.63
C GLY A 768 -16.69 -17.04 24.12
N LEU A 769 -16.06 -18.14 24.59
CA LEU A 769 -15.92 -18.44 26.02
C LEU A 769 -15.37 -17.27 26.84
N LEU A 770 -14.42 -16.49 26.28
CA LEU A 770 -13.87 -15.35 27.00
C LEU A 770 -14.92 -14.29 27.31
N GLY A 771 -15.85 -14.09 26.38
CA GLY A 771 -16.94 -13.15 26.54
C GLY A 771 -17.89 -13.51 27.67
N LEU A 772 -18.12 -14.83 27.88
CA LEU A 772 -18.98 -15.35 28.93
C LEU A 772 -18.41 -15.03 30.30
N LEU A 773 -17.08 -15.20 30.45
CA LEU A 773 -16.38 -14.93 31.70
C LEU A 773 -16.38 -13.45 32.02
N GLU A 774 -16.25 -12.58 31.00
CA GLU A 774 -16.29 -11.12 31.14
C GLU A 774 -17.71 -10.65 31.48
N GLU A 775 -18.74 -11.33 30.93
CA GLU A 775 -20.15 -11.05 31.21
C GLU A 775 -20.44 -11.42 32.66
N MET A 776 -19.93 -12.57 33.14
CA MET A 776 -20.10 -13.04 34.51
C MET A 776 -19.38 -12.12 35.51
N ARG A 777 -18.23 -11.56 35.12
CA ARG A 777 -17.48 -10.62 35.96
C ARG A 777 -18.25 -9.29 36.08
N ASP A 778 -18.99 -8.90 35.02
CA ASP A 778 -19.82 -7.71 34.99
C ASP A 778 -21.04 -7.87 35.92
N GLU A 779 -21.59 -9.09 36.02
CA GLU A 779 -22.74 -9.39 36.88
C GLU A 779 -22.36 -9.27 38.35
N ARG A 780 -21.15 -9.72 38.71
CA ARG A 780 -20.70 -9.67 40.09
C ARG A 780 -20.11 -8.30 40.49
N LEU A 781 -19.75 -7.44 39.51
CA LEU A 781 -19.20 -6.12 39.83
C LEU A 781 -20.28 -5.04 39.92
N SER A 782 -21.47 -5.43 40.40
CA SER A 782 -22.63 -4.58 40.61
C SER A 782 -23.54 -5.27 41.64
MG MG B . -4.60 3.31 -2.43
PB ADP C . -7.05 1.16 -2.92
O1B ADP C . -6.52 1.25 -4.33
O2B ADP C . -6.27 2.02 -1.95
O3B ADP C . -7.24 -0.26 -2.43
PA ADP C . -9.12 3.18 -2.41
O1A ADP C . -9.15 3.13 -0.94
O2A ADP C . -8.42 4.31 -3.10
O3A ADP C . -8.50 1.82 -2.97
O5' ADP C . -10.61 3.10 -2.94
C5' ADP C . -10.89 3.61 -4.27
C4' ADP C . -12.26 4.24 -4.28
O4' ADP C . -13.21 3.32 -3.69
C3' ADP C . -12.41 5.53 -3.49
O3' ADP C . -12.08 6.67 -4.26
C2' ADP C . -13.91 5.51 -3.12
O2' ADP C . -14.72 6.01 -4.18
C1' ADP C . -14.17 4.02 -2.92
N9 ADP C . -14.08 3.55 -1.54
C8 ADP C . -13.12 2.73 -1.01
N7 ADP C . -13.34 2.38 0.24
C5 ADP C . -14.53 3.02 0.55
C6 ADP C . -15.30 3.07 1.72
N6 ADP C . -14.99 2.41 2.85
N1 ADP C . -16.43 3.83 1.71
C2 ADP C . -16.75 4.48 0.59
N3 ADP C . -16.10 4.51 -0.58
C4 ADP C . -15.00 3.75 -0.54
V VO4 D . -4.45 1.18 -5.21
O1 VO4 D . -4.78 -0.18 -4.53
O2 VO4 D . -5.51 1.48 -6.34
O3 VO4 D . -3.03 1.06 -5.89
O4 VO4 D . -4.39 2.35 -4.18
C1 GOL E . 1.49 -23.57 5.13
O1 GOL E . 1.30 -24.51 4.07
C2 GOL E . 0.25 -23.39 5.99
O2 GOL E . -0.93 -23.34 5.17
C3 GOL E . 0.09 -24.45 7.04
O3 GOL E . -1.21 -24.39 7.62
C1 EDO F . -16.69 12.76 6.21
O1 EDO F . -16.85 11.69 7.13
C2 EDO F . -16.41 12.24 4.82
O2 EDO F . -15.03 12.39 4.49
C1 EDO G . 12.31 3.63 16.19
O1 EDO G . 11.06 4.13 16.66
C2 EDO G . 12.93 4.51 15.13
O2 EDO G . 12.89 5.88 15.50
#